data_4FQB
#
_entry.id   4FQB
#
_cell.length_a   97.710
_cell.length_b   97.710
_cell.length_c   293.301
_cell.angle_alpha   90.00
_cell.angle_beta   90.00
_cell.angle_gamma   120.00
#
_symmetry.space_group_name_H-M   'P 32 2 1'
#
loop_
_entity.id
_entity.type
_entity.pdbx_description
1 polymer 'toxic effector Tse1'
2 polymer 'immune protein Tsi1'
3 water water
#
loop_
_entity_poly.entity_id
_entity_poly.type
_entity_poly.pdbx_seq_one_letter_code
_entity_poly.pdbx_strand_id
1 'polypeptide(L)'
;MDSLDQCIVNACKNSWDKSYLAGTPNKDNCSGFVQSVAAELGVPMPRGNANAMVDGLEQSWTKLASGAEAAQKAAQGFLV
IAGLKGRTYGHVAVVISGPLYRQKYPMCWCGSIAGAVGQSQGLKSVGQVWNRTDRDRLNYYVYSLASCSLPRASLEHHHH
HH
;
A,C,E,G
2 'polypeptide(L)'
;MADCTFTQLEIVPQFGSPNMFGGEDEHVRVMFSNEDPNDDNPDAFPEPPVYLADRDSGNDCRIEDGGIWSRGGVFLSQDG
RRVLMHEFSGSSAELVSYDSATCKVVHREDISGQRWAVDKDGLRLGQKCSGESVDSCAKIVKRSLAPFCQTAKKLEHHHH
HH
;
B,D,F,H
#
# COMPACT_ATOMS: atom_id res chain seq x y z
N LEU A 4 -5.08 16.95 -33.01
CA LEU A 4 -6.25 17.58 -32.40
C LEU A 4 -5.98 17.83 -30.94
N ASP A 5 -5.23 16.94 -30.31
CA ASP A 5 -4.93 17.06 -28.87
C ASP A 5 -3.97 18.21 -28.54
N GLN A 6 -3.39 18.82 -29.55
CA GLN A 6 -2.61 20.01 -29.34
C GLN A 6 -3.27 20.89 -28.29
N CYS A 7 -4.38 21.50 -28.65
CA CYS A 7 -4.97 22.45 -27.75
C CYS A 7 -4.78 21.96 -26.34
N ILE A 8 -4.87 20.67 -26.12
CA ILE A 8 -4.83 20.14 -24.77
C ILE A 8 -3.42 20.02 -24.23
N VAL A 9 -2.54 19.53 -25.05
CA VAL A 9 -1.15 19.43 -24.63
C VAL A 9 -0.72 20.80 -24.14
N ASN A 10 -0.94 21.83 -24.96
CA ASN A 10 -0.54 23.17 -24.59
C ASN A 10 -1.00 23.49 -23.18
N ALA A 11 -2.28 23.20 -22.96
CA ALA A 11 -2.96 23.45 -21.70
C ALA A 11 -2.26 22.74 -20.53
N CYS A 12 -1.76 21.54 -20.77
CA CYS A 12 -1.00 20.82 -19.74
C CYS A 12 0.34 21.48 -19.41
N LYS A 13 1.13 21.80 -20.43
CA LYS A 13 2.39 22.51 -20.18
C LYS A 13 2.23 23.88 -19.54
N ASN A 14 1.28 24.69 -20.01
CA ASN A 14 1.10 25.97 -19.34
C ASN A 14 0.62 25.76 -17.93
N SER A 15 -0.36 24.88 -17.76
CA SER A 15 -0.97 24.67 -16.45
C SER A 15 0.05 24.16 -15.42
N TRP A 16 1.20 23.69 -15.91
CA TRP A 16 2.14 22.99 -15.06
C TRP A 16 2.79 23.89 -14.05
N ASP A 17 3.29 25.03 -14.48
CA ASP A 17 4.09 25.85 -13.57
C ASP A 17 3.23 26.70 -12.65
N LYS A 18 1.92 26.64 -12.86
CA LYS A 18 0.96 27.50 -12.18
C LYS A 18 0.61 27.00 -10.79
N SER A 19 -0.11 27.79 -9.99
CA SER A 19 -0.51 27.43 -8.62
C SER A 19 -1.97 27.76 -8.36
N TYR A 20 -2.86 26.93 -8.92
CA TYR A 20 -4.32 27.08 -8.83
C TYR A 20 -4.78 27.45 -7.44
N LEU A 21 -4.15 26.80 -6.46
CA LEU A 21 -4.50 27.08 -5.07
C LEU A 21 -3.38 27.69 -4.19
N ALA A 22 -3.57 28.90 -3.73
CA ALA A 22 -2.74 29.53 -2.67
C ALA A 22 -1.22 29.45 -2.96
N GLY A 23 -0.43 29.00 -1.98
CA GLY A 23 1.02 28.82 -2.15
C GLY A 23 1.40 27.39 -2.53
N THR A 24 0.41 26.58 -2.92
CA THR A 24 0.63 25.18 -3.31
C THR A 24 0.66 25.01 -4.84
N PRO A 25 1.89 24.91 -5.39
CA PRO A 25 2.10 24.83 -6.86
C PRO A 25 1.50 23.58 -7.45
N ASN A 26 1.09 23.65 -8.71
CA ASN A 26 0.29 22.57 -9.29
C ASN A 26 1.01 21.24 -9.30
N LYS A 27 2.31 21.28 -9.52
CA LYS A 27 3.11 20.10 -9.59
C LYS A 27 3.09 19.29 -8.31
N ASP A 28 2.54 19.85 -7.23
CA ASP A 28 2.40 19.08 -6.00
C ASP A 28 0.92 18.93 -5.62
N ASN A 29 0.03 19.27 -6.54
CA ASN A 29 -1.40 19.18 -6.28
C ASN A 29 -2.16 18.75 -7.53
N CYS A 30 -2.47 17.46 -7.61
CA CYS A 30 -3.23 16.92 -8.74
C CYS A 30 -4.54 17.68 -9.01
N SER A 31 -5.33 17.91 -7.97
CA SER A 31 -6.60 18.62 -8.15
C SER A 31 -6.37 20.01 -8.79
N GLY A 32 -5.32 20.69 -8.31
CA GLY A 32 -4.93 21.99 -8.83
C GLY A 32 -4.58 21.99 -10.30
N PHE A 33 -3.63 21.14 -10.63
CA PHE A 33 -3.25 20.93 -12.02
C PHE A 33 -4.41 20.67 -12.97
N VAL A 34 -5.32 19.78 -12.60
CA VAL A 34 -6.51 19.54 -13.43
C VAL A 34 -7.39 20.82 -13.58
N GLN A 35 -7.64 21.49 -12.47
CA GLN A 35 -8.40 22.72 -12.50
C GLN A 35 -7.78 23.76 -13.41
N SER A 36 -6.44 23.72 -13.50
CA SER A 36 -5.74 24.75 -14.28
C SER A 36 -5.87 24.44 -15.76
N VAL A 37 -5.73 23.14 -16.10
CA VAL A 37 -5.92 22.72 -17.48
C VAL A 37 -7.37 23.03 -17.94
N ALA A 38 -8.34 22.74 -17.07
CA ALA A 38 -9.76 23.03 -17.32
C ALA A 38 -10.05 24.52 -17.43
N ALA A 39 -9.22 25.30 -16.73
CA ALA A 39 -9.28 26.74 -16.79
C ALA A 39 -8.94 27.18 -18.21
N GLU A 40 -7.73 26.84 -18.62
CA GLU A 40 -7.18 27.30 -19.87
C GLU A 40 -8.10 26.98 -21.04
N LEU A 41 -8.77 25.84 -20.94
CA LEU A 41 -9.61 25.31 -21.99
C LEU A 41 -11.00 25.76 -21.75
N GLY A 42 -11.20 26.50 -20.68
CA GLY A 42 -12.55 26.90 -20.40
C GLY A 42 -13.45 25.71 -20.30
N VAL A 43 -13.07 24.72 -19.52
CA VAL A 43 -13.95 23.59 -19.27
C VAL A 43 -14.33 23.53 -17.82
N PRO A 44 -15.57 23.21 -17.55
CA PRO A 44 -16.10 23.32 -16.20
C PRO A 44 -15.83 22.10 -15.38
N MET A 45 -15.12 22.28 -14.30
CA MET A 45 -14.63 21.19 -13.51
C MET A 45 -15.06 21.37 -12.09
N PRO A 46 -15.45 20.31 -11.45
CA PRO A 46 -16.04 20.43 -10.15
C PRO A 46 -15.03 21.07 -9.27
N ARG A 47 -15.51 21.87 -8.34
CA ARG A 47 -14.66 22.47 -7.33
C ARG A 47 -14.28 21.41 -6.35
N GLY A 48 -13.13 21.58 -5.71
CA GLY A 48 -12.80 20.73 -4.60
C GLY A 48 -11.44 20.09 -4.61
N ASN A 49 -11.27 19.16 -3.71
CA ASN A 49 -10.12 18.28 -3.69
C ASN A 49 -10.32 17.10 -4.66
N ALA A 50 -9.39 16.15 -4.63
CA ALA A 50 -9.40 15.07 -5.63
C ALA A 50 -10.68 14.26 -5.55
N ASN A 51 -11.03 13.80 -4.35
CA ASN A 51 -12.22 13.00 -4.20
C ASN A 51 -13.48 13.68 -4.69
N ALA A 52 -13.58 14.95 -4.29
CA ALA A 52 -14.70 15.79 -4.68
C ALA A 52 -14.77 15.81 -6.20
N MET A 53 -13.64 16.07 -6.86
CA MET A 53 -13.58 16.07 -8.33
C MET A 53 -14.10 14.77 -8.97
N VAL A 54 -13.67 13.63 -8.42
CA VAL A 54 -14.16 12.34 -8.88
C VAL A 54 -15.68 12.19 -8.70
N ASP A 55 -16.21 12.58 -7.54
CA ASP A 55 -17.65 12.49 -7.36
C ASP A 55 -18.38 13.34 -8.41
N GLY A 56 -17.85 14.53 -8.64
CA GLY A 56 -18.41 15.49 -9.59
C GLY A 56 -18.43 14.87 -10.97
N LEU A 57 -17.26 14.38 -11.42
CA LEU A 57 -17.13 13.70 -12.72
C LEU A 57 -18.02 12.47 -12.83
N GLU A 58 -18.13 11.74 -11.73
CA GLU A 58 -19.03 10.60 -11.71
C GLU A 58 -20.43 11.00 -12.08
N GLN A 59 -20.87 12.13 -11.57
CA GLN A 59 -22.26 12.55 -11.70
C GLN A 59 -22.54 13.31 -13.01
N SER A 60 -21.62 14.18 -13.40
CA SER A 60 -21.79 15.01 -14.59
C SER A 60 -21.30 14.34 -15.83
N TRP A 61 -20.10 13.75 -15.78
CA TRP A 61 -19.41 13.40 -17.00
C TRP A 61 -19.69 12.04 -17.58
N THR A 62 -19.57 11.96 -18.90
CA THR A 62 -19.64 10.70 -19.64
C THR A 62 -18.45 9.79 -19.30
N LYS A 63 -18.77 8.58 -18.90
CA LYS A 63 -17.76 7.67 -18.36
C LYS A 63 -17.25 6.68 -19.45
N LEU A 64 -15.94 6.61 -19.69
CA LEU A 64 -15.43 5.72 -20.74
C LEU A 64 -15.18 4.32 -20.21
N ALA A 65 -15.08 3.35 -21.11
CA ALA A 65 -15.07 1.93 -20.77
C ALA A 65 -13.63 1.44 -20.59
N SER A 66 -12.65 2.08 -21.20
CA SER A 66 -11.30 1.57 -21.05
C SER A 66 -10.28 2.66 -21.23
N GLY A 67 -9.08 2.43 -20.68
CA GLY A 67 -7.97 3.36 -20.88
C GLY A 67 -7.71 3.56 -22.36
N ALA A 68 -7.97 2.52 -23.14
CA ALA A 68 -7.68 2.54 -24.57
C ALA A 68 -8.62 3.51 -25.29
N GLU A 69 -9.91 3.45 -24.94
CA GLU A 69 -10.90 4.37 -25.43
C GLU A 69 -10.63 5.75 -24.91
N ALA A 70 -10.11 5.86 -23.69
CA ALA A 70 -9.78 7.15 -23.09
C ALA A 70 -8.78 7.84 -23.99
N ALA A 71 -7.80 7.07 -24.48
CA ALA A 71 -6.81 7.67 -25.33
C ALA A 71 -7.38 7.96 -26.69
N GLN A 72 -8.36 7.20 -27.14
CA GLN A 72 -9.04 7.55 -28.38
C GLN A 72 -9.74 8.92 -28.25
N LYS A 73 -10.53 9.13 -27.20
CA LYS A 73 -11.26 10.39 -27.01
C LYS A 73 -10.31 11.55 -26.87
N ALA A 74 -9.23 11.31 -26.12
CA ALA A 74 -8.16 12.28 -25.95
C ALA A 74 -7.49 12.66 -27.28
N ALA A 75 -7.24 11.67 -28.12
CA ALA A 75 -6.73 11.90 -29.48
C ALA A 75 -7.66 12.77 -30.33
N GLN A 76 -8.94 12.74 -30.01
CA GLN A 76 -9.91 13.52 -30.73
C GLN A 76 -10.09 14.93 -30.14
N GLY A 77 -9.06 15.41 -29.44
CA GLY A 77 -9.09 16.74 -28.87
C GLY A 77 -10.12 16.95 -27.77
N PHE A 78 -10.67 15.89 -27.20
CA PHE A 78 -11.53 15.99 -26.00
C PHE A 78 -10.66 16.05 -24.72
N LEU A 79 -11.29 16.44 -23.61
CA LEU A 79 -10.60 16.42 -22.32
C LEU A 79 -10.99 15.17 -21.58
N VAL A 80 -9.97 14.39 -21.21
CA VAL A 80 -10.22 13.16 -20.48
C VAL A 80 -9.50 13.14 -19.11
N ILE A 81 -10.27 12.88 -18.07
CA ILE A 81 -9.74 12.83 -16.74
C ILE A 81 -9.76 11.39 -16.25
N ALA A 82 -8.60 10.87 -15.92
CA ALA A 82 -8.51 9.64 -15.17
C ALA A 82 -8.62 9.97 -13.69
N GLY A 83 -9.58 9.33 -13.02
CA GLY A 83 -9.70 9.60 -11.60
C GLY A 83 -9.86 8.34 -10.78
N LEU A 84 -9.33 8.34 -9.56
CA LEU A 84 -9.60 7.29 -8.60
C LEU A 84 -9.59 7.86 -7.19
N LYS A 85 -10.52 7.45 -6.36
CA LYS A 85 -10.62 8.00 -5.00
C LYS A 85 -9.75 7.26 -4.01
N GLY A 86 -9.39 7.94 -2.92
CA GLY A 86 -8.63 7.31 -1.88
C GLY A 86 -9.30 7.51 -0.56
N ARG A 87 -8.88 6.74 0.44
CA ARG A 87 -9.40 6.97 1.80
C ARG A 87 -8.96 8.36 2.25
N THR A 88 -7.72 8.70 1.89
CA THR A 88 -7.07 9.89 2.40
C THR A 88 -7.11 10.97 1.31
N TYR A 89 -6.27 10.79 0.27
CA TYR A 89 -6.16 11.75 -0.84
C TYR A 89 -6.36 11.00 -2.11
N GLY A 90 -7.38 11.35 -2.88
CA GLY A 90 -7.60 10.72 -4.19
C GLY A 90 -6.64 11.31 -5.22
N HIS A 91 -6.82 10.96 -6.47
CA HIS A 91 -5.89 11.38 -7.53
C HIS A 91 -6.58 11.48 -8.86
N VAL A 92 -6.13 12.46 -9.63
CA VAL A 92 -6.73 12.73 -10.92
C VAL A 92 -5.60 13.08 -11.85
N ALA A 93 -5.84 12.90 -13.15
CA ALA A 93 -4.82 13.12 -14.14
C ALA A 93 -5.48 13.34 -15.49
N VAL A 94 -4.82 14.14 -16.33
CA VAL A 94 -5.30 14.47 -17.66
C VAL A 94 -4.74 13.44 -18.63
N VAL A 95 -5.61 12.71 -19.32
CA VAL A 95 -5.18 11.67 -20.26
C VAL A 95 -4.85 12.27 -21.61
N ILE A 96 -3.68 11.96 -22.18
CA ILE A 96 -3.34 12.48 -23.52
C ILE A 96 -3.19 11.34 -24.51
N SER A 97 -3.11 11.66 -25.80
CA SER A 97 -2.93 10.57 -26.78
C SER A 97 -1.53 10.01 -26.81
N GLY A 98 -1.38 8.85 -27.46
CA GLY A 98 -0.10 8.18 -27.65
C GLY A 98 -0.11 6.78 -27.03
N PRO A 99 0.96 6.01 -27.25
CA PRO A 99 1.11 4.58 -26.91
C PRO A 99 0.71 4.18 -25.50
N LEU A 100 -0.04 3.10 -25.36
CA LEU A 100 -0.40 2.58 -24.06
C LEU A 100 0.70 1.70 -23.47
N TYR A 101 1.01 2.03 -22.23
CA TYR A 101 1.96 1.26 -21.47
C TYR A 101 1.30 -0.06 -21.13
N ARG A 102 2.05 -1.16 -21.39
CA ARG A 102 1.60 -2.54 -21.21
C ARG A 102 0.32 -2.80 -21.99
N GLN A 103 0.28 -2.17 -23.17
CA GLN A 103 -0.86 -2.16 -24.09
C GLN A 103 -2.18 -1.79 -23.41
N LYS A 104 -2.18 -1.12 -22.28
CA LYS A 104 -3.40 -1.01 -21.52
C LYS A 104 -3.59 0.34 -20.83
N TYR A 105 -2.51 1.03 -20.46
CA TYR A 105 -2.60 2.28 -19.67
C TYR A 105 -2.10 3.48 -20.50
N PRO A 106 -2.96 4.50 -20.70
CA PRO A 106 -2.68 5.63 -21.56
C PRO A 106 -1.82 6.64 -20.86
N MET A 107 -1.05 7.37 -21.67
CA MET A 107 -0.19 8.43 -21.22
C MET A 107 -0.98 9.54 -20.54
N CYS A 108 -0.36 10.21 -19.56
CA CYS A 108 -1.05 11.31 -18.84
C CYS A 108 -0.12 12.42 -18.33
N TRP A 109 -0.78 13.49 -17.87
CA TRP A 109 -0.15 14.60 -17.14
C TRP A 109 -0.87 14.76 -15.81
N CYS A 110 -0.09 14.86 -14.76
CA CYS A 110 -0.62 15.00 -13.41
C CYS A 110 0.51 15.48 -12.51
N GLY A 111 0.17 16.32 -11.52
CA GLY A 111 1.06 16.63 -10.38
C GLY A 111 0.63 15.76 -9.19
N SER A 112 1.45 15.73 -8.14
CA SER A 112 1.17 14.83 -7.03
C SER A 112 1.86 15.26 -5.77
N ILE A 113 1.16 15.18 -4.62
CA ILE A 113 1.77 15.43 -3.30
C ILE A 113 2.68 14.27 -2.90
N ALA A 114 2.57 13.13 -3.58
CA ALA A 114 3.40 11.97 -3.27
C ALA A 114 4.87 12.26 -3.41
N GLY A 115 5.16 13.21 -4.31
CA GLY A 115 6.49 13.74 -4.64
C GLY A 115 6.68 13.71 -6.15
N ALA A 116 7.90 13.95 -6.64
CA ALA A 116 8.20 13.99 -8.09
C ALA A 116 7.90 12.62 -8.76
N VAL A 117 7.99 11.55 -7.99
CA VAL A 117 7.80 10.22 -8.54
C VAL A 117 6.40 10.04 -9.09
N GLY A 118 5.45 10.79 -8.52
CA GLY A 118 4.04 10.68 -8.90
C GLY A 118 3.71 11.79 -9.88
N GLN A 119 4.72 12.49 -10.38
CA GLN A 119 4.46 13.56 -11.35
C GLN A 119 4.71 13.15 -12.80
N SER A 120 3.76 13.39 -13.71
CA SER A 120 3.96 13.04 -15.12
C SER A 120 3.84 14.22 -16.04
N GLN A 121 4.89 14.44 -16.82
CA GLN A 121 4.87 15.53 -17.77
C GLN A 121 4.63 14.95 -19.16
N GLY A 122 3.62 14.09 -19.28
CA GLY A 122 3.35 13.37 -20.53
C GLY A 122 4.30 12.19 -20.83
N LEU A 123 5.17 11.89 -19.88
CA LEU A 123 6.23 10.92 -20.04
C LEU A 123 5.91 9.57 -19.36
N LYS A 124 4.88 9.57 -18.50
CA LYS A 124 4.40 8.38 -17.80
C LYS A 124 2.94 8.12 -18.10
N SER A 125 2.58 6.85 -18.06
CA SER A 125 1.17 6.48 -18.24
C SER A 125 0.54 6.49 -16.89
N VAL A 126 -0.77 6.44 -16.86
CA VAL A 126 -1.48 6.36 -15.58
C VAL A 126 -1.06 5.08 -14.86
N GLY A 127 -0.53 4.12 -15.62
CA GLY A 127 -0.07 2.87 -15.06
C GLY A 127 1.30 2.97 -14.41
N GLN A 128 1.90 4.15 -14.48
CA GLN A 128 3.22 4.33 -13.87
C GLN A 128 3.18 5.38 -12.77
N VAL A 129 1.98 5.78 -12.36
CA VAL A 129 1.69 6.80 -11.35
C VAL A 129 0.75 6.12 -10.34
N TRP A 130 -0.15 5.25 -10.81
CA TRP A 130 -0.83 4.39 -9.89
C TRP A 130 -0.20 3.01 -9.92
N ASN A 131 -0.26 2.33 -8.79
CA ASN A 131 0.36 1.04 -8.69
C ASN A 131 -0.51 -0.07 -9.29
N ARG A 132 -0.07 -1.32 -9.22
CA ARG A 132 -0.71 -2.39 -9.95
C ARG A 132 -2.14 -2.60 -9.49
N THR A 133 -2.38 -2.49 -8.20
CA THR A 133 -3.77 -2.54 -7.79
C THR A 133 -4.58 -1.37 -8.32
N ASP A 134 -4.17 -0.15 -8.05
CA ASP A 134 -5.03 0.99 -8.33
C ASP A 134 -5.22 1.14 -9.87
N ARG A 135 -4.15 0.81 -10.55
CA ARG A 135 -4.04 0.81 -11.99
C ARG A 135 -5.24 0.16 -12.73
N ASP A 136 -5.74 -0.92 -12.17
CA ASP A 136 -6.88 -1.61 -12.75
C ASP A 136 -8.22 -1.11 -12.21
N ARG A 137 -8.23 -0.14 -11.30
CA ARG A 137 -9.51 0.35 -10.73
C ARG A 137 -9.81 1.79 -11.21
N LEU A 138 -8.94 2.39 -12.01
CA LEU A 138 -9.16 3.75 -12.57
C LEU A 138 -10.47 3.90 -13.29
N ASN A 139 -11.10 5.06 -13.16
CA ASN A 139 -12.19 5.44 -14.00
C ASN A 139 -11.73 6.51 -14.95
N TYR A 140 -12.13 6.38 -16.20
CA TYR A 140 -11.91 7.44 -17.15
C TYR A 140 -13.18 8.26 -17.46
N TYR A 141 -13.08 9.58 -17.34
CA TYR A 141 -14.23 10.49 -17.60
C TYR A 141 -13.94 11.44 -18.74
N VAL A 142 -14.93 11.72 -19.56
CA VAL A 142 -14.72 12.62 -20.67
C VAL A 142 -15.83 13.70 -20.77
N TYR A 143 -15.41 14.92 -21.08
CA TYR A 143 -16.33 16.03 -21.29
C TYR A 143 -16.90 15.94 -22.71
N SER A 144 -18.22 16.11 -22.81
CA SER A 144 -18.99 15.99 -24.05
C SER A 144 -18.65 16.93 -25.23
N LEU A 145 -17.71 17.86 -25.06
CA LEU A 145 -17.37 18.81 -26.14
C LEU A 145 -15.85 18.96 -26.41
N ALA A 146 -15.51 18.77 -27.69
CA ALA A 146 -14.11 18.65 -28.11
C ALA A 146 -13.43 19.98 -27.96
N SER A 147 -12.76 20.16 -26.83
CA SER A 147 -12.08 21.41 -26.52
C SER A 147 -11.10 21.90 -27.61
N CYS A 148 -10.66 21.00 -28.48
CA CYS A 148 -9.79 21.37 -29.59
C CYS A 148 -10.73 21.55 -30.77
N SER A 149 -10.42 22.41 -31.75
CA SER A 149 -11.53 22.87 -32.66
C SER A 149 -11.95 21.97 -33.82
N CYS B 4 16.62 0.97 16.30
CA CYS B 4 17.16 0.37 15.09
C CYS B 4 17.23 1.42 14.03
N THR B 5 18.40 1.59 13.45
CA THR B 5 18.66 2.69 12.58
C THR B 5 18.60 2.31 11.16
N PHE B 6 18.05 3.16 10.32
CA PHE B 6 18.01 2.79 8.90
C PHE B 6 18.89 3.74 8.11
N THR B 7 19.72 3.23 7.21
CA THR B 7 20.56 4.05 6.37
C THR B 7 19.98 3.87 4.98
N GLN B 8 19.93 4.93 4.23
CA GLN B 8 19.45 4.89 2.91
C GLN B 8 20.39 4.06 2.04
N LEU B 9 19.83 3.35 1.07
CA LEU B 9 20.61 2.46 0.23
C LEU B 9 20.47 3.03 -1.13
N GLU B 10 21.54 3.53 -1.70
CA GLU B 10 21.46 4.11 -3.00
C GLU B 10 21.24 3.01 -4.08
N ILE B 11 20.25 3.20 -4.97
CA ILE B 11 19.93 2.23 -6.06
C ILE B 11 20.52 2.59 -7.43
N VAL B 12 21.43 1.78 -7.96
CA VAL B 12 22.15 2.16 -9.22
C VAL B 12 22.08 1.04 -10.29
N PRO B 13 22.43 1.36 -11.57
CA PRO B 13 22.43 0.37 -12.64
C PRO B 13 23.45 -0.71 -12.33
N GLN B 14 23.15 -1.98 -12.60
CA GLN B 14 24.15 -3.04 -12.50
C GLN B 14 24.67 -3.37 -13.90
N PHE B 15 25.98 -3.31 -14.07
CA PHE B 15 26.60 -3.72 -15.27
C PHE B 15 26.55 -5.24 -15.46
N GLY B 16 26.25 -5.68 -16.68
CA GLY B 16 26.14 -7.09 -16.96
C GLY B 16 24.72 -7.60 -16.72
N SER B 17 23.85 -6.83 -16.09
CA SER B 17 22.43 -7.21 -16.05
C SER B 17 21.63 -6.05 -16.61
N PRO B 18 21.27 -6.10 -17.90
CA PRO B 18 20.77 -4.96 -18.71
C PRO B 18 19.71 -3.95 -18.17
N ASN B 19 18.71 -4.34 -17.40
CA ASN B 19 17.81 -3.31 -16.88
C ASN B 19 17.56 -3.42 -15.40
N MET B 20 18.58 -3.89 -14.68
CA MET B 20 18.48 -4.07 -13.25
C MET B 20 19.08 -2.84 -12.58
N PHE B 21 18.43 -2.43 -11.48
CA PHE B 21 18.89 -1.41 -10.61
C PHE B 21 18.89 -1.99 -9.19
N GLY B 22 19.99 -1.82 -8.45
CA GLY B 22 19.97 -2.13 -7.02
C GLY B 22 21.21 -1.61 -6.26
N GLY B 23 21.43 -2.20 -5.09
CA GLY B 23 22.41 -1.74 -4.19
C GLY B 23 22.55 -2.76 -3.13
N GLU B 24 23.67 -2.74 -2.41
CA GLU B 24 23.86 -3.72 -1.37
C GLU B 24 24.68 -3.20 -0.18
N ASP B 25 24.64 -3.94 0.90
CA ASP B 25 25.61 -3.70 1.92
C ASP B 25 26.07 -5.03 2.40
N GLU B 26 26.70 -5.01 3.53
CA GLU B 26 27.21 -6.16 4.18
C GLU B 26 26.17 -7.28 4.31
N HIS B 27 24.90 -6.92 4.54
CA HIS B 27 23.87 -7.90 4.86
C HIS B 27 22.86 -8.16 3.75
N VAL B 28 22.41 -7.11 3.07
CA VAL B 28 21.29 -7.27 2.19
C VAL B 28 21.59 -6.73 0.78
N ARG B 29 21.21 -7.46 -0.26
CA ARG B 29 21.17 -6.86 -1.58
C ARG B 29 19.73 -6.69 -1.98
N VAL B 30 19.40 -5.52 -2.56
CA VAL B 30 18.05 -5.24 -3.04
C VAL B 30 18.17 -4.95 -4.53
N MET B 31 17.17 -5.42 -5.32
CA MET B 31 17.10 -5.21 -6.80
C MET B 31 15.72 -5.03 -7.44
N PHE B 32 15.64 -4.11 -8.40
CA PHE B 32 14.44 -3.89 -9.21
C PHE B 32 14.77 -4.04 -10.67
N SER B 33 13.74 -4.14 -11.53
CA SER B 33 13.98 -4.25 -12.98
C SER B 33 13.25 -3.11 -13.54
N ASN B 34 13.81 -2.48 -14.57
CA ASN B 34 13.17 -1.31 -15.10
C ASN B 34 12.39 -1.75 -16.30
N GLU B 35 11.09 -1.46 -16.37
CA GLU B 35 10.32 -1.92 -17.51
C GLU B 35 9.78 -0.73 -18.29
N ASP B 36 10.13 0.49 -17.85
CA ASP B 36 9.81 1.72 -18.60
C ASP B 36 10.55 1.67 -19.95
N PRO B 37 9.79 1.70 -21.04
CA PRO B 37 10.35 1.61 -22.41
C PRO B 37 11.15 2.86 -22.78
N ASN B 38 10.75 4.00 -22.21
CA ASN B 38 11.29 5.29 -22.57
C ASN B 38 12.41 5.78 -21.68
N ASP B 39 12.47 5.26 -20.46
CA ASP B 39 13.43 5.80 -19.53
C ASP B 39 14.44 4.80 -19.06
N ASP B 40 15.71 5.07 -19.36
CA ASP B 40 16.83 4.27 -18.88
C ASP B 40 17.40 4.78 -17.56
N ASN B 41 16.85 5.88 -17.06
CA ASN B 41 17.17 6.41 -15.73
C ASN B 41 15.86 6.79 -15.04
N PRO B 42 15.16 5.80 -14.51
CA PRO B 42 13.87 6.06 -13.89
C PRO B 42 13.98 6.37 -12.42
N ASP B 43 13.02 7.16 -11.91
CA ASP B 43 12.95 7.44 -10.49
C ASP B 43 12.18 6.40 -9.69
N ALA B 44 11.37 5.57 -10.35
CA ALA B 44 10.53 4.64 -9.61
C ALA B 44 10.35 3.29 -10.31
N PHE B 45 10.04 2.20 -9.59
CA PHE B 45 9.73 0.90 -10.21
C PHE B 45 8.36 0.39 -9.82
N PRO B 46 7.43 0.37 -10.77
CA PRO B 46 6.08 -0.08 -10.48
C PRO B 46 5.81 -1.56 -10.73
N GLU B 47 6.68 -2.27 -11.40
CA GLU B 47 6.47 -3.69 -11.72
C GLU B 47 7.28 -4.57 -10.78
N PRO B 48 6.63 -5.34 -9.90
CA PRO B 48 7.31 -6.35 -9.07
C PRO B 48 7.89 -7.41 -9.96
N PRO B 49 8.74 -8.29 -9.44
CA PRO B 49 9.17 -8.42 -8.07
C PRO B 49 10.27 -7.43 -7.67
N VAL B 50 10.45 -7.28 -6.35
CA VAL B 50 11.67 -6.77 -5.82
C VAL B 50 12.43 -7.98 -5.35
N TYR B 51 13.70 -8.11 -5.71
CA TYR B 51 14.53 -9.18 -5.22
C TYR B 51 15.33 -8.79 -3.98
N LEU B 52 15.13 -9.49 -2.85
CA LEU B 52 16.05 -9.37 -1.69
C LEU B 52 16.94 -10.56 -1.41
N ALA B 53 18.24 -10.28 -1.35
CA ALA B 53 19.24 -11.33 -1.01
C ALA B 53 19.73 -11.14 0.40
N ASP B 54 19.65 -12.16 1.23
CA ASP B 54 20.17 -12.16 2.59
C ASP B 54 21.59 -12.73 2.51
N ARG B 55 22.59 -11.86 2.65
CA ARG B 55 23.94 -12.33 2.48
C ARG B 55 24.45 -13.15 3.67
N ASP B 56 23.78 -13.08 4.81
CA ASP B 56 24.19 -13.87 5.98
C ASP B 56 23.74 -15.35 5.94
N SER B 57 22.77 -15.63 5.08
CA SER B 57 22.22 -16.99 4.93
C SER B 57 22.49 -17.55 3.53
N GLY B 58 22.78 -16.67 2.57
CA GLY B 58 22.98 -17.08 1.22
C GLY B 58 21.67 -17.24 0.48
N ASN B 59 20.54 -16.90 1.10
CA ASN B 59 19.27 -17.14 0.44
C ASN B 59 18.70 -15.88 -0.12
N ASP B 60 17.84 -15.99 -1.13
CA ASP B 60 17.11 -14.86 -1.61
C ASP B 60 15.65 -15.11 -1.68
N CYS B 61 14.86 -14.04 -1.77
CA CYS B 61 13.42 -14.12 -1.84
C CYS B 61 12.91 -12.95 -2.69
N ARG B 62 11.66 -13.04 -3.14
CA ARG B 62 11.06 -12.01 -3.96
C ARG B 62 9.89 -11.36 -3.21
N ILE B 63 9.76 -10.02 -3.29
CA ILE B 63 8.51 -9.35 -2.94
C ILE B 63 7.65 -9.24 -4.22
N GLU B 64 6.47 -9.86 -4.22
CA GLU B 64 5.72 -10.05 -5.47
C GLU B 64 4.68 -8.99 -5.72
N ASP B 65 4.38 -8.13 -4.74
CA ASP B 65 3.40 -7.08 -5.00
C ASP B 65 3.62 -5.95 -4.08
N GLY B 66 3.13 -4.76 -4.46
CA GLY B 66 3.67 -3.55 -3.92
C GLY B 66 3.50 -2.29 -4.74
N GLY B 67 3.45 -1.15 -3.98
CA GLY B 67 2.84 0.20 -4.35
C GLY B 67 3.95 0.48 -5.28
N ILE B 68 3.89 1.54 -6.07
CA ILE B 68 5.10 1.80 -6.88
C ILE B 68 6.27 2.16 -5.95
N TRP B 69 7.40 1.50 -6.11
CA TRP B 69 8.57 1.71 -5.26
C TRP B 69 9.41 2.84 -5.74
N SER B 70 9.83 3.73 -4.84
CA SER B 70 10.72 4.90 -5.19
C SER B 70 12.15 4.49 -5.16
N ARG B 71 12.90 4.68 -6.25
CA ARG B 71 14.36 4.45 -6.25
C ARG B 71 14.96 5.34 -5.17
N GLY B 72 15.76 4.73 -4.32
CA GLY B 72 16.27 5.52 -3.19
C GLY B 72 15.17 6.26 -2.35
N GLY B 73 14.06 5.59 -2.15
CA GLY B 73 13.42 5.58 -0.89
C GLY B 73 13.53 4.19 -0.28
N VAL B 74 14.66 3.52 -0.45
CA VAL B 74 14.91 2.21 0.11
C VAL B 74 15.95 2.40 1.21
N PHE B 75 15.73 1.76 2.35
CA PHE B 75 16.58 1.95 3.53
C PHE B 75 16.88 0.61 4.15
N LEU B 76 18.09 0.38 4.65
CA LEU B 76 18.35 -0.86 5.39
C LEU B 76 18.64 -0.65 6.86
N SER B 77 18.19 -1.57 7.71
CA SER B 77 18.41 -1.46 9.13
C SER B 77 19.83 -1.86 9.53
N GLN B 78 20.33 -1.35 10.64
CA GLN B 78 21.70 -1.63 11.02
C GLN B 78 22.01 -3.12 11.04
N ASP B 79 21.07 -3.94 11.48
CA ASP B 79 21.37 -5.35 11.67
C ASP B 79 21.08 -6.16 10.40
N GLY B 80 20.58 -5.51 9.37
CA GLY B 80 20.26 -6.24 8.18
C GLY B 80 18.91 -6.98 8.19
N ARG B 81 18.12 -6.88 9.27
CA ARG B 81 16.89 -7.67 9.35
C ARG B 81 15.66 -7.04 8.68
N ARG B 82 15.65 -5.73 8.53
CA ARG B 82 14.50 -5.07 7.93
C ARG B 82 14.89 -4.21 6.77
N VAL B 83 14.00 -4.06 5.78
CA VAL B 83 14.26 -3.24 4.58
C VAL B 83 13.10 -2.34 4.48
N LEU B 84 13.30 -1.02 4.51
CA LEU B 84 12.17 -0.10 4.67
C LEU B 84 11.96 0.60 3.36
N MET B 85 10.76 0.63 2.83
CA MET B 85 10.66 1.16 1.47
C MET B 85 9.53 2.14 1.34
N HIS B 86 9.77 3.16 0.55
CA HIS B 86 8.73 4.13 0.28
C HIS B 86 7.97 3.71 -0.95
N GLU B 87 6.64 3.69 -0.85
CA GLU B 87 5.79 3.25 -1.95
C GLU B 87 4.63 4.21 -2.11
N PHE B 88 4.14 4.39 -3.35
CA PHE B 88 3.10 5.35 -3.63
C PHE B 88 2.19 4.96 -4.78
N SER B 89 1.06 5.65 -4.86
CA SER B 89 0.10 5.42 -5.91
C SER B 89 -0.86 6.60 -5.93
N GLY B 90 -0.80 7.34 -7.04
CA GLY B 90 -1.56 8.55 -7.27
C GLY B 90 -0.99 9.62 -6.36
N SER B 91 -1.81 10.02 -5.41
CA SER B 91 -1.41 10.93 -4.40
C SER B 91 -1.15 10.30 -3.05
N SER B 92 -1.36 9.00 -2.89
CA SER B 92 -1.22 8.38 -1.58
C SER B 92 0.16 7.81 -1.50
N ALA B 93 0.69 7.66 -0.29
CA ALA B 93 2.00 6.98 -0.12
C ALA B 93 2.14 6.32 1.25
N GLU B 94 3.19 5.52 1.39
CA GLU B 94 3.35 4.73 2.58
C GLU B 94 4.77 4.37 2.75
N LEU B 95 5.13 4.01 3.97
CA LEU B 95 6.46 3.46 4.29
C LEU B 95 6.16 2.04 4.78
N VAL B 96 6.90 1.07 4.24
CA VAL B 96 6.62 -0.32 4.42
C VAL B 96 7.88 -1.06 4.76
N SER B 97 7.92 -1.70 5.91
CA SER B 97 9.09 -2.45 6.29
C SER B 97 8.90 -3.96 5.98
N TYR B 98 9.86 -4.54 5.26
CA TYR B 98 9.86 -5.98 4.90
C TYR B 98 10.88 -6.77 5.69
N ASP B 99 10.64 -8.05 5.86
CA ASP B 99 11.59 -8.88 6.55
C ASP B 99 12.60 -9.33 5.48
N SER B 100 13.89 -9.24 5.73
CA SER B 100 14.85 -9.45 4.64
C SER B 100 15.10 -10.93 4.42
N ALA B 101 14.74 -11.75 5.38
CA ALA B 101 14.86 -13.19 5.19
C ALA B 101 13.62 -13.77 4.43
N THR B 102 12.42 -13.25 4.71
CA THR B 102 11.25 -13.87 4.19
C THR B 102 10.56 -13.00 3.16
N CYS B 103 10.91 -11.73 3.02
CA CYS B 103 10.21 -10.85 2.09
C CYS B 103 8.78 -10.55 2.57
N LYS B 104 8.42 -10.95 3.80
CA LYS B 104 7.09 -10.62 4.33
C LYS B 104 7.02 -9.20 4.87
N VAL B 105 5.87 -8.55 4.66
CA VAL B 105 5.62 -7.20 5.16
C VAL B 105 5.53 -7.31 6.64
N VAL B 106 6.28 -6.46 7.38
CA VAL B 106 6.19 -6.48 8.87
C VAL B 106 5.44 -5.33 9.48
N HIS B 107 5.37 -4.25 8.70
CA HIS B 107 4.81 -3.00 9.15
C HIS B 107 4.67 -2.03 8.03
N ARG B 108 3.61 -1.26 8.07
CA ARG B 108 3.23 -0.44 6.95
C ARG B 108 2.58 0.77 7.61
N GLU B 109 2.87 1.97 7.12
CA GLU B 109 2.28 3.21 7.67
C GLU B 109 1.86 4.14 6.55
N ASP B 110 0.60 4.49 6.54
CA ASP B 110 0.14 5.41 5.54
C ASP B 110 0.68 6.83 5.88
N ILE B 111 1.40 7.46 4.95
CA ILE B 111 1.92 8.81 5.15
C ILE B 111 1.40 9.78 4.10
N SER B 112 0.29 9.44 3.51
CA SER B 112 -0.32 10.29 2.50
C SER B 112 -0.41 11.73 2.94
N GLY B 113 -0.09 12.61 2.00
CA GLY B 113 -0.21 14.05 2.14
C GLY B 113 0.93 14.70 2.88
N GLN B 114 1.95 13.94 3.25
CA GLN B 114 2.97 14.47 4.12
C GLN B 114 4.29 14.46 3.39
N ARG B 115 5.13 15.44 3.70
CA ARG B 115 6.54 15.31 3.33
C ARG B 115 7.25 14.41 4.34
N TRP B 116 8.34 13.77 3.97
CA TRP B 116 8.96 12.85 4.90
C TRP B 116 10.43 12.78 4.76
N ALA B 117 11.10 12.36 5.83
CA ALA B 117 12.52 12.13 5.77
C ALA B 117 12.97 11.10 6.80
N VAL B 118 13.95 10.26 6.41
CA VAL B 118 14.48 9.22 7.29
C VAL B 118 15.97 9.32 7.50
N ASP B 119 16.40 9.30 8.76
CA ASP B 119 17.81 9.52 9.08
C ASP B 119 18.18 8.72 10.33
N LYS B 120 19.39 8.94 10.86
CA LYS B 120 19.87 8.21 12.05
C LYS B 120 18.91 8.41 13.23
N ASP B 121 18.37 9.62 13.29
CA ASP B 121 17.48 10.03 14.37
C ASP B 121 16.08 9.43 14.36
N GLY B 122 15.59 9.06 13.18
CA GLY B 122 14.28 8.46 13.08
C GLY B 122 13.52 8.97 11.86
N LEU B 123 12.21 9.08 12.01
CA LEU B 123 11.36 9.46 10.91
C LEU B 123 10.70 10.78 11.23
N ARG B 124 10.62 11.64 10.24
CA ARG B 124 9.96 12.95 10.42
C ARG B 124 8.93 13.17 9.30
N LEU B 125 7.76 13.64 9.66
CA LEU B 125 6.68 13.86 8.69
C LEU B 125 6.22 15.27 8.82
N GLY B 126 5.86 15.91 7.71
CA GLY B 126 5.42 17.30 7.85
C GLY B 126 4.31 17.77 6.96
N GLN B 127 3.59 18.81 7.38
CA GLN B 127 2.50 19.36 6.62
C GLN B 127 2.69 20.83 6.39
N LYS B 128 1.80 21.40 5.58
CA LYS B 128 1.79 22.82 5.26
C LYS B 128 3.18 23.15 4.74
N CYS B 129 3.63 22.30 3.85
CA CYS B 129 4.92 22.45 3.26
C CYS B 129 4.93 23.41 2.10
N SER B 130 6.08 24.03 1.84
CA SER B 130 6.25 24.86 0.65
C SER B 130 7.02 24.13 -0.49
N GLY B 131 7.50 22.91 -0.22
CA GLY B 131 8.48 22.20 -1.07
C GLY B 131 8.41 20.69 -0.82
N GLU B 132 9.32 19.92 -1.43
CA GLU B 132 9.27 18.46 -1.27
C GLU B 132 9.98 18.04 0.01
N SER B 133 10.94 18.84 0.44
CA SER B 133 11.65 18.53 1.67
C SER B 133 10.81 18.91 2.89
N VAL B 134 10.86 18.02 3.88
CA VAL B 134 10.14 18.16 5.13
C VAL B 134 10.50 19.44 5.87
N ASP B 135 11.66 19.99 5.57
CA ASP B 135 12.08 21.22 6.22
C ASP B 135 11.28 22.44 5.80
N SER B 136 10.64 22.36 4.64
CA SER B 136 9.79 23.41 4.16
C SER B 136 8.43 23.32 4.83
N CYS B 137 8.21 22.31 5.64
CA CYS B 137 6.91 22.12 6.30
C CYS B 137 6.70 22.98 7.55
N ALA B 138 5.55 23.61 7.71
CA ALA B 138 5.20 24.41 8.93
C ALA B 138 5.15 23.48 10.14
N LYS B 139 4.12 22.64 10.25
CA LYS B 139 4.06 21.58 11.25
C LYS B 139 4.94 20.36 10.91
N ILE B 140 5.78 19.90 11.85
CA ILE B 140 6.68 18.74 11.66
C ILE B 140 6.63 17.79 12.86
N VAL B 141 6.40 16.51 12.63
CA VAL B 141 6.16 15.51 13.65
C VAL B 141 7.26 14.46 13.59
N LYS B 142 7.82 14.12 14.74
CA LYS B 142 8.85 13.08 14.81
C LYS B 142 8.20 11.77 15.19
N ARG B 143 8.46 10.72 14.43
CA ARG B 143 7.78 9.44 14.64
C ARG B 143 8.81 8.33 14.88
N SER B 144 8.50 7.44 15.82
CA SER B 144 9.35 6.28 16.10
C SER B 144 9.40 5.25 14.94
N LEU B 145 10.55 4.64 14.72
CA LEU B 145 10.64 3.65 13.69
C LEU B 145 10.61 2.25 14.32
N ALA B 146 10.44 2.21 15.64
CA ALA B 146 10.49 0.95 16.36
C ALA B 146 9.53 -0.10 15.80
N PRO B 147 8.27 0.30 15.48
CA PRO B 147 7.40 -0.75 14.92
C PRO B 147 7.85 -1.26 13.56
N PHE B 148 8.77 -0.60 12.89
CA PHE B 148 9.14 -1.01 11.57
C PHE B 148 10.17 -2.09 11.54
N CYS B 149 10.78 -2.32 12.68
CA CYS B 149 11.90 -3.19 12.80
C CYS B 149 11.85 -3.55 14.24
N GLN B 150 11.86 -4.81 14.57
CA GLN B 150 11.79 -5.21 15.96
C GLN B 150 12.81 -6.25 16.23
N THR B 151 12.92 -6.70 17.47
CA THR B 151 13.60 -8.00 17.62
C THR B 151 12.53 -9.11 17.60
N LEU C 4 13.61 22.03 62.50
CA LEU C 4 12.45 21.15 62.46
C LEU C 4 11.63 21.19 61.16
N ASP C 5 12.14 21.76 60.09
CA ASP C 5 11.44 21.55 58.82
C ASP C 5 12.36 20.83 57.87
N GLN C 6 13.34 20.19 58.47
CA GLN C 6 14.33 19.45 57.75
C GLN C 6 13.63 18.35 56.99
N CYS C 7 12.67 17.69 57.61
CA CYS C 7 11.99 16.65 56.89
C CYS C 7 11.49 17.01 55.54
N ILE C 8 10.81 18.13 55.53
CA ILE C 8 10.26 18.66 54.31
C ILE C 8 11.33 19.16 53.38
N VAL C 9 12.32 19.83 53.91
CA VAL C 9 13.29 20.40 53.03
C VAL C 9 13.94 19.27 52.29
N ASN C 10 14.24 18.22 53.04
CA ASN C 10 14.95 17.10 52.48
C ASN C 10 14.13 16.42 51.42
N ALA C 11 12.86 16.25 51.70
CA ALA C 11 12.05 15.56 50.72
C ALA C 11 12.14 16.36 49.45
N CYS C 12 12.16 17.67 49.61
CA CYS C 12 12.22 18.59 48.48
C CYS C 12 13.45 18.37 47.65
N LYS C 13 14.58 18.20 48.30
CA LYS C 13 15.78 17.85 47.58
C LYS C 13 15.66 16.49 46.89
N ASN C 14 15.10 15.50 47.57
CA ASN C 14 15.07 14.19 46.97
C ASN C 14 14.27 14.16 45.70
N SER C 15 13.09 14.76 45.78
CA SER C 15 12.04 14.69 44.77
C SER C 15 12.40 15.46 43.50
N TRP C 16 13.46 16.26 43.55
CA TRP C 16 13.86 17.11 42.44
C TRP C 16 14.22 16.37 41.16
N ASP C 17 15.28 15.58 41.23
CA ASP C 17 15.71 14.81 40.06
C ASP C 17 14.83 13.62 39.71
N LYS C 18 13.83 13.32 40.55
CA LYS C 18 12.89 12.23 40.25
C LYS C 18 11.98 12.57 39.06
N SER C 19 11.24 11.59 38.54
CA SER C 19 10.27 11.81 37.43
C SER C 19 8.93 11.12 37.73
N TYR C 20 8.15 11.72 38.63
CA TYR C 20 6.91 11.11 39.15
C TYR C 20 6.03 10.58 38.05
N LEU C 21 6.00 11.31 36.93
CA LEU C 21 5.21 10.85 35.79
C LEU C 21 6.04 10.44 34.56
N ALA C 22 6.05 9.13 34.28
CA ALA C 22 6.60 8.53 33.05
C ALA C 22 7.98 9.07 32.65
N GLY C 23 8.09 9.68 31.46
CA GLY C 23 9.36 10.24 30.98
C GLY C 23 9.47 11.74 31.14
N THR C 24 8.60 12.30 31.97
CA THR C 24 8.55 13.75 32.23
C THR C 24 9.15 14.10 33.59
N PRO C 25 10.44 14.47 33.61
CA PRO C 25 11.15 14.79 34.85
C PRO C 25 10.44 15.82 35.71
N ASN C 26 10.67 15.75 37.02
CA ASN C 26 9.91 16.61 37.93
C ASN C 26 10.20 18.08 37.73
N LYS C 27 11.46 18.39 37.43
CA LYS C 27 11.90 19.78 37.37
C LYS C 27 11.19 20.53 36.26
N ASP C 28 10.51 19.77 35.39
CA ASP C 28 9.68 20.39 34.36
C ASP C 28 8.18 20.13 34.57
N ASN C 29 7.79 19.66 35.76
CA ASN C 29 6.37 19.39 36.05
C ASN C 29 6.04 19.69 37.51
N CYS C 30 5.36 20.82 37.74
CA CYS C 30 5.10 21.33 39.09
C CYS C 30 4.27 20.37 39.89
N SER C 31 3.18 19.93 39.29
CA SER C 31 2.31 18.89 39.84
C SER C 31 3.11 17.65 40.25
N GLY C 32 3.98 17.18 39.35
CA GLY C 32 4.79 15.99 39.59
C GLY C 32 5.74 16.11 40.77
N PHE C 33 6.57 17.15 40.76
CA PHE C 33 7.43 17.44 41.88
C PHE C 33 6.68 17.40 43.21
N VAL C 34 5.57 18.11 43.28
CA VAL C 34 4.79 18.11 44.51
C VAL C 34 4.29 16.69 44.86
N GLN C 35 3.74 15.96 43.91
CA GLN C 35 3.31 14.58 44.17
C GLN C 35 4.44 13.72 44.78
N SER C 36 5.67 13.91 44.29
CA SER C 36 6.86 13.17 44.75
C SER C 36 7.26 13.57 46.16
N VAL C 37 7.24 14.87 46.45
CA VAL C 37 7.57 15.36 47.79
C VAL C 37 6.56 14.75 48.74
N ALA C 38 5.28 14.84 48.36
CA ALA C 38 4.18 14.33 49.17
C ALA C 38 4.26 12.83 49.33
N ALA C 39 4.89 12.15 48.35
CA ALA C 39 5.10 10.71 48.40
C ALA C 39 6.12 10.38 49.47
N GLU C 40 7.33 10.90 49.30
CA GLU C 40 8.41 10.66 50.24
C GLU C 40 8.05 11.09 51.66
N LEU C 41 6.99 11.86 51.78
CA LEU C 41 6.52 12.29 53.09
C LEU C 41 5.24 11.63 53.53
N GLY C 42 4.76 10.70 52.76
CA GLY C 42 3.60 9.97 53.22
C GLY C 42 2.44 10.84 53.56
N VAL C 43 2.18 11.82 52.72
CA VAL C 43 0.99 12.63 52.89
C VAL C 43 0.14 12.41 51.68
N PRO C 44 -1.15 12.21 51.90
CA PRO C 44 -2.05 11.97 50.79
C PRO C 44 -2.13 13.24 49.98
N MET C 45 -1.94 13.14 48.69
CA MET C 45 -1.92 14.31 47.84
C MET C 45 -2.88 14.07 46.70
N PRO C 46 -3.72 15.04 46.42
CA PRO C 46 -4.76 14.82 45.43
C PRO C 46 -4.17 14.48 44.09
N ARG C 47 -4.84 13.60 43.38
CA ARG C 47 -4.39 13.17 42.07
C ARG C 47 -4.74 14.21 41.03
N GLY C 48 -3.98 14.18 39.94
CA GLY C 48 -4.25 14.92 38.70
C GLY C 48 -3.22 16.00 38.42
N ASN C 49 -3.55 16.88 37.48
CA ASN C 49 -2.66 17.98 37.13
C ASN C 49 -2.72 19.11 38.14
N ALA C 50 -2.14 20.25 37.79
CA ALA C 50 -2.12 21.37 38.68
C ALA C 50 -3.52 21.79 39.11
N ASN C 51 -4.38 22.09 38.14
CA ASN C 51 -5.69 22.61 38.47
C ASN C 51 -6.49 21.66 39.36
N ALA C 52 -6.48 20.39 38.96
CA ALA C 52 -7.08 19.31 39.75
C ALA C 52 -6.56 19.33 41.19
N MET C 53 -5.24 19.42 41.36
CA MET C 53 -4.65 19.44 42.68
C MET C 53 -5.17 20.63 43.50
N VAL C 54 -5.28 21.79 42.85
CA VAL C 54 -5.77 22.98 43.53
C VAL C 54 -7.22 22.78 44.00
N ASP C 55 -8.06 22.23 43.13
CA ASP C 55 -9.43 21.88 43.50
C ASP C 55 -9.43 20.93 44.71
N GLY C 56 -8.58 19.92 44.63
CA GLY C 56 -8.43 18.92 45.67
C GLY C 56 -8.04 19.54 47.00
N LEU C 57 -6.95 20.31 47.01
CA LEU C 57 -6.49 20.97 48.22
C LEU C 57 -7.56 21.91 48.77
N GLU C 58 -8.26 22.60 47.85
CA GLU C 58 -9.32 23.52 48.22
C GLU C 58 -10.37 22.81 49.08
N GLN C 59 -10.70 21.60 48.68
CA GLN C 59 -11.73 20.82 49.37
C GLN C 59 -11.21 20.10 50.61
N SER C 60 -10.08 19.39 50.50
CA SER C 60 -9.60 18.57 51.63
C SER C 60 -8.81 19.35 52.66
N TRP C 61 -7.92 20.22 52.19
CA TRP C 61 -6.91 20.84 53.07
C TRP C 61 -7.36 22.05 53.81
N THR C 62 -6.67 22.29 54.91
CA THR C 62 -6.82 23.54 55.63
C THR C 62 -6.14 24.67 54.86
N LYS C 63 -6.88 25.74 54.64
CA LYS C 63 -6.45 26.86 53.84
C LYS C 63 -5.89 27.97 54.73
N LEU C 64 -4.62 28.30 54.61
CA LEU C 64 -4.04 29.36 55.44
C LEU C 64 -4.36 30.78 54.93
N ALA C 65 -4.09 31.80 55.73
CA ALA C 65 -4.64 33.13 55.42
C ALA C 65 -3.67 34.12 54.79
N SER C 66 -2.38 33.80 54.79
CA SER C 66 -1.35 34.68 54.25
C SER C 66 -0.07 33.89 54.05
N GLY C 67 0.79 34.38 53.15
CA GLY C 67 2.09 33.77 52.92
C GLY C 67 2.95 33.69 54.17
N ALA C 68 2.77 34.63 55.05
CA ALA C 68 3.57 34.69 56.24
C ALA C 68 3.19 33.55 57.17
N GLU C 69 1.89 33.33 57.34
CA GLU C 69 1.43 32.19 58.07
C GLU C 69 1.82 30.86 57.39
N ALA C 70 1.86 30.85 56.08
CA ALA C 70 2.25 29.65 55.35
C ALA C 70 3.66 29.27 55.74
N ALA C 71 4.53 30.27 55.77
CA ALA C 71 5.90 30.06 56.16
C ALA C 71 5.98 29.64 57.62
N GLN C 72 5.07 30.17 58.44
CA GLN C 72 5.01 29.76 59.86
C GLN C 72 4.77 28.25 60.01
N LYS C 73 3.69 27.77 59.38
CA LYS C 73 3.36 26.37 59.46
C LYS C 73 4.44 25.50 58.87
N ALA C 74 5.03 25.94 57.77
CA ALA C 74 6.08 25.20 57.13
C ALA C 74 7.31 25.12 58.02
N ALA C 75 7.58 26.18 58.76
CA ALA C 75 8.68 26.19 59.73
C ALA C 75 8.47 25.16 60.86
N GLN C 76 7.19 24.82 61.08
CA GLN C 76 6.78 23.89 62.10
C GLN C 76 6.68 22.46 61.54
N GLY C 77 7.44 22.22 60.48
CA GLY C 77 7.50 20.92 59.84
C GLY C 77 6.21 20.42 59.23
N PHE C 78 5.27 21.33 58.97
CA PHE C 78 4.06 20.97 58.23
C PHE C 78 4.34 21.04 56.73
N LEU C 79 3.49 20.43 55.92
CA LEU C 79 3.67 20.48 54.48
C LEU C 79 2.75 21.52 53.92
N VAL C 80 3.31 22.49 53.21
CA VAL C 80 2.50 23.63 52.73
C VAL C 80 2.64 23.85 51.24
N ILE C 81 1.49 23.88 50.56
CA ILE C 81 1.46 24.03 49.11
C ILE C 81 0.84 25.38 48.72
N ALA C 82 1.57 26.15 47.92
CA ALA C 82 1.01 27.37 47.37
C ALA C 82 0.51 27.05 46.00
N GLY C 83 -0.75 27.41 45.75
CA GLY C 83 -1.39 27.02 44.52
C GLY C 83 -2.25 28.10 43.90
N LEU C 84 -2.29 28.11 42.57
CA LEU C 84 -3.11 29.01 41.80
C LEU C 84 -3.38 28.36 40.47
N LYS C 85 -4.66 28.39 40.09
CA LYS C 85 -5.14 27.79 38.84
C LYS C 85 -4.91 28.72 37.66
N GLY C 86 -4.81 28.17 36.45
CA GLY C 86 -4.69 29.02 35.25
C GLY C 86 -5.63 28.53 34.19
N ARG C 87 -5.83 29.32 33.14
CA ARG C 87 -6.66 28.89 31.98
C ARG C 87 -6.12 27.59 31.36
N THR C 88 -4.80 27.47 31.25
CA THR C 88 -4.20 26.38 30.50
C THR C 88 -3.53 25.47 31.55
N TYR C 89 -2.48 25.99 32.19
CA TYR C 89 -1.75 25.23 33.18
C TYR C 89 -1.70 25.99 34.48
N GLY C 90 -2.16 25.37 35.54
CA GLY C 90 -2.01 25.96 36.86
C GLY C 90 -0.64 25.61 37.39
N HIS C 91 -0.44 25.89 38.66
CA HIS C 91 0.88 25.84 39.25
C HIS C 91 0.80 25.72 40.74
N VAL C 92 1.73 24.91 41.26
CA VAL C 92 1.79 24.61 42.66
C VAL C 92 3.25 24.52 43.01
N ALA C 93 3.51 24.73 44.29
CA ALA C 93 4.85 24.87 44.82
C ALA C 93 4.84 24.45 46.29
N VAL C 94 6.02 24.08 46.79
CA VAL C 94 6.14 23.74 48.18
C VAL C 94 6.66 24.97 48.88
N VAL C 95 5.95 25.42 49.91
CA VAL C 95 6.38 26.55 50.68
C VAL C 95 7.28 26.08 51.82
N ILE C 96 8.43 26.73 51.96
CA ILE C 96 9.36 26.41 53.04
C ILE C 96 9.60 27.64 53.92
N SER C 97 10.18 27.42 55.10
CA SER C 97 10.50 28.53 56.00
C SER C 97 11.67 29.38 55.48
N GLY C 98 11.81 30.60 56.04
CA GLY C 98 12.84 31.58 55.67
C GLY C 98 12.29 32.93 55.18
N PRO C 99 13.17 33.92 54.99
CA PRO C 99 12.77 35.32 54.73
C PRO C 99 11.79 35.50 53.59
N LEU C 100 10.79 36.34 53.79
CA LEU C 100 9.81 36.61 52.76
C LEU C 100 10.25 37.65 51.78
N TYR C 101 10.14 37.36 50.50
CA TYR C 101 10.50 38.33 49.52
C TYR C 101 9.52 39.45 49.61
N ARG C 102 10.02 40.66 49.76
CA ARG C 102 9.16 41.82 49.77
C ARG C 102 8.25 41.82 50.96
N GLN C 103 8.66 41.08 51.96
CA GLN C 103 8.05 41.17 53.25
C GLN C 103 6.75 40.47 53.12
N LYS C 104 6.48 39.97 51.94
CA LYS C 104 5.20 39.37 51.66
C LYS C 104 5.23 37.94 51.16
N TYR C 105 6.31 37.55 50.50
CA TYR C 105 6.32 36.31 49.73
C TYR C 105 7.34 35.29 50.17
N PRO C 106 6.86 34.09 50.44
CA PRO C 106 7.66 33.02 51.00
C PRO C 106 8.52 32.22 50.04
N MET C 107 9.52 31.61 50.63
CA MET C 107 10.47 30.81 49.93
C MET C 107 9.81 29.56 49.42
N CYS C 108 10.22 29.05 48.28
CA CYS C 108 9.57 27.84 47.79
C CYS C 108 10.45 26.95 46.97
N TRP C 109 9.94 25.73 46.77
CA TRP C 109 10.50 24.79 45.86
C TRP C 109 9.44 24.47 44.84
N CYS C 110 9.80 24.43 43.56
CA CYS C 110 8.89 23.98 42.49
C CYS C 110 9.61 23.79 41.18
N GLY C 111 9.08 22.88 40.38
CA GLY C 111 9.54 22.77 39.00
C GLY C 111 8.51 23.38 38.07
N SER C 112 8.90 23.65 36.83
CA SER C 112 8.02 24.34 35.89
C SER C 112 8.25 23.99 34.43
N ILE C 113 7.16 23.79 33.68
CA ILE C 113 7.20 23.59 32.21
C ILE C 113 7.52 24.92 31.52
N ALA C 114 7.44 26.02 32.27
CA ALA C 114 7.74 27.34 31.71
C ALA C 114 9.24 27.49 31.39
N GLY C 115 10.04 26.59 31.97
CA GLY C 115 11.50 26.64 31.83
C GLY C 115 12.23 26.78 33.16
N ALA C 116 13.57 26.82 33.09
CA ALA C 116 14.45 27.00 34.28
C ALA C 116 14.13 28.28 35.05
N VAL C 117 13.71 29.32 34.34
CA VAL C 117 13.40 30.61 35.01
C VAL C 117 12.26 30.47 36.04
N GLY C 118 11.37 29.51 35.78
CA GLY C 118 10.21 29.27 36.61
C GLY C 118 10.50 28.17 37.62
N GLN C 119 11.73 27.72 37.69
CA GLN C 119 12.09 26.70 38.65
C GLN C 119 12.70 27.30 39.87
N SER C 120 12.28 26.84 41.07
CA SER C 120 12.96 27.26 42.32
C SER C 120 13.44 26.09 43.15
N GLN C 121 14.72 26.12 43.51
CA GLN C 121 15.31 25.08 44.35
C GLN C 121 15.53 25.65 45.73
N GLY C 122 14.49 26.32 46.23
CA GLY C 122 14.54 26.93 47.56
C GLY C 122 15.17 28.32 47.61
N LEU C 123 15.69 28.81 46.48
CA LEU C 123 16.41 30.10 46.49
C LEU C 123 15.55 31.22 45.93
N LYS C 124 14.35 30.88 45.44
CA LYS C 124 13.34 31.87 45.07
C LYS C 124 12.07 31.78 45.92
N SER C 125 11.42 32.91 46.12
CA SER C 125 10.13 32.96 46.77
C SER C 125 9.06 32.72 45.73
N VAL C 126 7.85 32.43 46.18
CA VAL C 126 6.74 32.28 45.28
C VAL C 126 6.52 33.56 44.50
N GLY C 127 6.99 34.66 45.07
CA GLY C 127 6.90 35.97 44.42
C GLY C 127 7.88 36.19 43.26
N GLN C 128 8.79 35.23 43.05
CA GLN C 128 9.79 35.32 41.97
C GLN C 128 9.60 34.22 40.94
N VAL C 129 8.47 33.55 41.09
CA VAL C 129 8.04 32.46 40.26
C VAL C 129 6.68 32.82 39.63
N TRP C 130 5.77 33.40 40.41
CA TRP C 130 4.55 34.01 39.83
C TRP C 130 4.75 35.49 39.66
N ASN C 131 4.07 36.06 38.68
CA ASN C 131 4.33 37.44 38.35
C ASN C 131 3.55 38.35 39.30
N ARG C 132 3.73 39.68 39.22
CA ARG C 132 3.03 40.64 40.15
C ARG C 132 1.54 40.42 40.34
N THR C 133 0.83 40.26 39.25
CA THR C 133 -0.58 39.92 39.28
C THR C 133 -0.87 38.63 40.03
N ASP C 134 -0.37 37.50 39.53
CA ASP C 134 -0.63 36.21 40.14
C ASP C 134 -0.15 36.08 41.59
N ARG C 135 1.04 36.61 41.82
CA ARG C 135 1.64 36.73 43.13
C ARG C 135 0.67 37.07 44.33
N ASP C 136 -0.31 37.93 44.11
CA ASP C 136 -1.26 38.29 45.18
C ASP C 136 -2.53 37.46 45.19
N ARG C 137 -2.73 36.63 44.19
CA ARG C 137 -3.90 35.78 44.11
C ARG C 137 -3.61 34.36 44.54
N LEU C 138 -2.45 34.13 45.17
CA LEU C 138 -2.11 32.80 45.67
C LEU C 138 -3.04 32.33 46.77
N ASN C 139 -3.31 31.03 46.78
CA ASN C 139 -3.86 30.37 47.94
C ASN C 139 -2.83 29.48 48.56
N TYR C 140 -2.91 29.38 49.88
CA TYR C 140 -1.98 28.58 50.67
C TYR C 140 -2.78 27.48 51.36
N TYR C 141 -2.30 26.25 51.21
CA TYR C 141 -2.94 25.08 51.80
C TYR C 141 -1.91 24.35 52.61
N VAL C 142 -2.35 23.78 53.73
CA VAL C 142 -1.50 23.00 54.63
C VAL C 142 -2.18 21.70 55.08
N TYR C 143 -1.37 20.65 55.17
CA TYR C 143 -1.85 19.38 55.71
C TYR C 143 -1.82 19.43 57.23
N SER C 144 -2.93 19.07 57.85
CA SER C 144 -3.17 19.25 59.29
C SER C 144 -2.31 18.43 60.27
N LEU C 145 -1.42 17.59 59.76
CA LEU C 145 -0.57 16.81 60.65
C LEU C 145 0.90 16.88 60.29
N ALA C 146 1.74 17.24 61.24
CA ALA C 146 3.09 17.63 60.89
C ALA C 146 3.93 16.51 60.43
N SER C 147 4.51 16.66 59.25
CA SER C 147 5.37 15.63 58.73
C SER C 147 6.57 15.10 59.47
N CYS C 148 6.98 15.90 60.43
CA CYS C 148 7.95 15.48 61.40
C CYS C 148 7.59 15.11 62.82
N SER C 149 8.01 13.91 63.22
CA SER C 149 7.72 13.42 64.56
C SER C 149 7.90 14.59 65.51
N CYS D 4 9.64 42.46 10.34
CA CYS D 4 9.77 41.76 11.60
C CYS D 4 10.71 40.62 11.50
N THR D 5 11.97 40.88 11.78
CA THR D 5 12.93 39.85 11.97
C THR D 5 13.50 40.19 13.32
N PHE D 6 13.37 39.29 14.26
CA PHE D 6 13.80 39.54 15.62
C PHE D 6 15.11 38.90 15.93
N THR D 7 16.01 39.67 16.49
CA THR D 7 17.32 39.22 16.88
C THR D 7 17.37 39.28 18.35
N GLN D 8 17.91 38.22 18.95
CA GLN D 8 17.96 38.21 20.40
C GLN D 8 18.93 39.26 20.93
N LEU D 9 18.59 39.85 22.09
CA LEU D 9 19.44 40.84 22.71
C LEU D 9 20.01 40.34 24.04
N GLU D 10 21.33 40.31 24.12
CA GLU D 10 22.03 39.91 25.31
C GLU D 10 21.94 40.98 26.42
N ILE D 11 21.35 40.57 27.54
CA ILE D 11 21.20 41.43 28.71
C ILE D 11 22.33 41.26 29.73
N VAL D 12 23.13 42.32 29.92
CA VAL D 12 24.38 42.20 30.64
C VAL D 12 24.51 43.31 31.71
N PRO D 13 25.32 43.06 32.75
CA PRO D 13 25.49 44.04 33.83
C PRO D 13 25.96 45.36 33.26
N GLN D 14 25.45 46.45 33.80
CA GLN D 14 25.89 47.76 33.39
C GLN D 14 26.82 48.35 34.43
N PHE D 15 27.97 48.78 33.98
CA PHE D 15 28.94 49.34 34.87
C PHE D 15 28.66 50.77 35.18
N GLY D 16 28.58 51.06 36.46
CA GLY D 16 28.27 52.39 36.91
C GLY D 16 26.82 52.63 37.10
N SER D 17 26.01 51.61 36.90
CA SER D 17 24.62 51.65 37.23
C SER D 17 24.29 50.40 37.96
N PRO D 18 24.61 50.33 39.23
CA PRO D 18 24.58 49.06 39.94
C PRO D 18 23.24 48.42 39.90
N ASN D 19 23.22 47.15 39.59
CA ASN D 19 22.01 46.36 39.55
C ASN D 19 21.15 46.56 38.35
N MET D 20 21.66 47.28 37.37
CA MET D 20 21.01 47.40 36.12
C MET D 20 21.55 46.41 35.12
N PHE D 21 20.65 45.78 34.40
CA PHE D 21 20.98 44.78 33.42
C PHE D 21 20.33 45.20 32.15
N GLY D 22 21.11 45.32 31.09
CA GLY D 22 20.46 45.65 29.84
C GLY D 22 21.34 45.36 28.65
N GLY D 23 20.83 45.72 27.46
CA GLY D 23 21.60 45.71 26.22
C GLY D 23 21.09 46.71 25.24
N GLU D 24 21.86 47.06 24.25
CA GLU D 24 21.29 47.94 23.25
C GLU D 24 21.73 47.60 21.83
N ASP D 25 21.10 48.20 20.83
CA ASP D 25 21.63 48.18 19.48
C ASP D 25 21.61 49.58 18.87
N GLU D 26 21.73 49.68 17.57
CA GLU D 26 21.64 50.96 16.90
C GLU D 26 20.36 51.73 17.26
N HIS D 27 19.27 51.00 17.52
CA HIS D 27 17.93 51.55 17.70
C HIS D 27 17.38 51.62 19.11
N VAL D 28 17.57 50.58 19.92
CA VAL D 28 16.78 50.48 21.13
C VAL D 28 17.69 50.04 22.26
N ARG D 29 17.45 50.50 23.48
CA ARG D 29 18.20 50.03 24.64
C ARG D 29 17.18 49.57 25.61
N VAL D 30 17.39 48.39 26.18
CA VAL D 30 16.41 47.76 27.06
C VAL D 30 17.15 47.58 28.36
N MET D 31 16.48 47.90 29.50
CA MET D 31 17.05 47.70 30.87
C MET D 31 16.12 47.26 31.96
N PHE D 32 16.64 46.52 32.92
CA PHE D 32 15.89 45.96 34.04
C PHE D 32 16.70 46.28 35.28
N SER D 33 16.06 46.30 36.45
CA SER D 33 16.83 46.36 37.70
C SER D 33 16.68 45.10 38.45
N ASN D 34 17.78 44.68 39.08
CA ASN D 34 17.78 43.42 39.77
C ASN D 34 17.39 43.70 41.20
N GLU D 35 16.32 43.07 41.66
CA GLU D 35 15.88 43.32 43.03
C GLU D 35 15.97 42.08 43.88
N ASP D 36 16.49 40.98 43.32
CA ASP D 36 16.72 39.76 44.08
C ASP D 36 17.87 40.00 45.05
N PRO D 37 17.60 39.90 46.35
CA PRO D 37 18.62 40.04 47.37
C PRO D 37 19.80 39.04 47.24
N ASN D 38 19.48 37.81 46.83
CA ASN D 38 20.40 36.65 46.90
C ASN D 38 21.12 36.28 45.61
N ASP D 39 20.73 36.85 44.49
CA ASP D 39 21.39 36.57 43.24
C ASP D 39 21.92 37.84 42.56
N ASP D 40 23.25 37.91 42.35
CA ASP D 40 23.86 38.98 41.56
C ASP D 40 23.83 38.66 40.06
N ASN D 41 23.37 37.46 39.72
CA ASN D 41 23.33 37.05 38.33
C ASN D 41 22.07 36.30 38.01
N PRO D 42 20.97 37.02 38.00
CA PRO D 42 19.67 36.38 37.88
C PRO D 42 19.29 36.03 36.44
N ASP D 43 18.38 35.06 36.33
CA ASP D 43 17.88 34.65 35.04
C ASP D 43 16.61 35.41 34.65
N ALA D 44 15.99 36.08 35.63
CA ALA D 44 14.67 36.71 35.41
C ALA D 44 14.48 38.02 36.17
N PHE D 45 13.58 38.88 35.71
CA PHE D 45 13.28 40.15 36.40
C PHE D 45 11.78 40.23 36.65
N PRO D 46 11.35 39.99 37.90
CA PRO D 46 9.92 40.05 38.21
C PRO D 46 9.43 41.44 38.57
N GLU D 47 10.32 42.37 38.90
CA GLU D 47 9.84 43.75 39.24
C GLU D 47 9.96 44.76 38.08
N PRO D 48 8.84 45.31 37.62
CA PRO D 48 8.88 46.47 36.75
C PRO D 48 9.49 47.68 37.44
N PRO D 49 9.78 48.74 36.71
CA PRO D 49 9.60 48.92 35.24
C PRO D 49 10.73 48.28 34.44
N VAL D 50 10.48 47.98 33.18
CA VAL D 50 11.51 47.78 32.19
C VAL D 50 11.74 49.08 31.42
N TYR D 51 12.99 49.51 31.33
CA TYR D 51 13.27 50.76 30.63
C TYR D 51 13.53 50.53 29.14
N LEU D 52 12.83 51.25 28.27
CA LEU D 52 13.16 51.32 26.87
C LEU D 52 13.60 52.70 26.47
N ALA D 53 14.76 52.73 25.83
CA ALA D 53 15.21 53.96 25.22
C ALA D 53 15.21 53.79 23.71
N ASP D 54 14.48 54.67 23.04
CA ASP D 54 14.46 54.76 21.59
C ASP D 54 15.60 55.72 21.19
N ARG D 55 16.63 55.18 20.59
CA ARG D 55 17.81 55.96 20.26
C ARG D 55 17.69 56.78 18.98
N ASP D 56 16.59 56.61 18.25
CA ASP D 56 16.39 57.41 17.06
C ASP D 56 15.83 58.76 17.43
N SER D 57 15.13 58.80 18.55
CA SER D 57 14.28 59.94 18.89
C SER D 57 14.82 60.60 20.15
N GLY D 58 15.66 59.87 20.87
CA GLY D 58 16.25 60.32 22.11
C GLY D 58 15.26 60.31 23.25
N ASN D 59 14.10 59.69 23.06
CA ASN D 59 13.10 59.61 24.14
C ASN D 59 13.16 58.26 24.78
N ASP D 60 12.62 58.16 25.99
CA ASP D 60 12.42 56.88 26.61
C ASP D 60 11.11 56.78 27.28
N CYS D 61 10.76 55.55 27.67
CA CYS D 61 9.55 55.27 28.36
C CYS D 61 9.85 54.05 29.23
N ARG D 62 8.89 53.74 30.07
CA ARG D 62 8.97 52.63 30.98
C ARG D 62 7.75 51.74 30.74
N ILE D 63 7.95 50.41 30.73
CA ILE D 63 6.82 49.45 30.76
C ILE D 63 6.62 49.24 32.25
N GLU D 64 5.44 49.59 32.77
CA GLU D 64 5.16 49.61 34.21
C GLU D 64 4.56 48.34 34.81
N ASP D 65 4.10 47.37 34.00
CA ASP D 65 3.75 46.04 34.55
C ASP D 65 3.92 44.96 33.58
N GLY D 66 3.86 43.73 34.08
CA GLY D 66 4.11 42.62 33.25
C GLY D 66 4.80 41.45 33.95
N GLY D 67 4.85 40.31 33.18
CA GLY D 67 4.87 38.87 33.61
C GLY D 67 6.26 38.92 34.02
N ILE D 68 6.78 37.87 34.66
CA ILE D 68 8.23 37.91 34.96
C ILE D 68 9.02 37.84 33.65
N TRP D 69 9.96 38.75 33.44
CA TRP D 69 10.72 38.85 32.20
C TRP D 69 11.92 37.94 32.25
N SER D 70 12.06 37.05 31.27
CA SER D 70 13.25 36.22 31.17
C SER D 70 14.38 37.07 30.67
N ARG D 71 15.51 37.05 31.36
CA ARG D 71 16.71 37.69 30.88
C ARG D 71 17.10 37.03 29.62
N GLY D 72 17.27 37.80 28.56
CA GLY D 72 17.58 37.08 27.29
C GLY D 72 16.45 36.16 26.76
N GLY D 73 15.23 36.61 26.99
CA GLY D 73 14.15 36.29 26.11
C GLY D 73 13.73 37.65 25.52
N VAL D 74 14.70 38.53 25.30
CA VAL D 74 14.47 39.84 24.78
C VAL D 74 14.97 39.89 23.35
N PHE D 75 14.13 40.37 22.44
CA PHE D 75 14.45 40.36 21.01
C PHE D 75 14.01 41.72 20.44
N LEU D 76 14.82 42.28 19.55
CA LEU D 76 14.48 43.54 18.88
C LEU D 76 14.17 43.26 17.44
N SER D 77 13.22 44.00 16.89
CA SER D 77 12.88 43.92 15.49
C SER D 77 13.91 44.70 14.69
N GLN D 78 14.10 44.34 13.44
CA GLN D 78 15.17 44.93 12.66
C GLN D 78 15.08 46.46 12.56
N ASP D 79 13.86 46.96 12.47
CA ASP D 79 13.60 48.37 12.24
C ASP D 79 13.60 49.14 13.57
N GLY D 80 13.68 48.40 14.67
CA GLY D 80 13.75 48.97 15.98
C GLY D 80 12.42 49.47 16.55
N ARG D 81 11.31 49.13 15.92
CA ARG D 81 10.02 49.60 16.35
C ARG D 81 9.43 48.68 17.40
N ARG D 82 9.88 47.43 17.46
CA ARG D 82 9.27 46.48 18.36
C ARG D 82 10.27 45.76 19.24
N VAL D 83 9.88 45.53 20.48
CA VAL D 83 10.69 44.74 21.39
C VAL D 83 9.85 43.55 21.77
N LEU D 84 10.39 42.32 21.61
CA LEU D 84 9.60 41.13 21.88
C LEU D 84 10.15 40.53 23.14
N MET D 85 9.30 40.18 24.10
CA MET D 85 9.85 39.67 25.35
C MET D 85 9.15 38.42 25.80
N HIS D 86 9.89 37.48 26.38
CA HIS D 86 9.31 36.28 26.91
C HIS D 86 9.00 36.54 28.34
N GLU D 87 7.80 36.18 28.77
CA GLU D 87 7.35 36.50 30.13
C GLU D 87 6.56 35.31 30.64
N PHE D 88 6.64 35.07 31.94
CA PHE D 88 6.04 33.85 32.47
C PHE D 88 5.51 34.13 33.85
N SER D 89 4.70 33.21 34.34
CA SER D 89 4.17 33.32 35.68
C SER D 89 3.74 31.92 36.06
N GLY D 90 4.41 31.37 37.06
CA GLY D 90 4.07 30.03 37.53
C GLY D 90 4.46 29.00 36.50
N SER D 91 3.45 28.48 35.80
CA SER D 91 3.67 27.50 34.74
C SER D 91 3.17 28.02 33.42
N SER D 92 2.73 29.27 33.41
CA SER D 92 2.11 29.77 32.20
C SER D 92 3.18 30.62 31.56
N ALA D 93 3.17 30.76 30.25
CA ALA D 93 4.12 31.71 29.67
C ALA D 93 3.53 32.43 28.44
N GLU D 94 4.17 33.53 28.03
CA GLU D 94 3.70 34.22 26.86
C GLU D 94 4.80 34.96 26.14
N LEU D 95 4.53 35.31 24.88
CA LEU D 95 5.39 36.27 24.18
C LEU D 95 4.63 37.58 23.98
N VAL D 96 5.28 38.69 24.33
CA VAL D 96 4.60 39.98 24.31
C VAL D 96 5.42 41.00 23.51
N SER D 97 4.82 41.57 22.48
CA SER D 97 5.55 42.57 21.71
C SER D 97 5.13 43.94 22.20
N TYR D 98 6.11 44.79 22.51
CA TYR D 98 5.90 46.22 22.94
C TYR D 98 6.32 47.22 21.85
N ASP D 99 5.65 48.38 21.77
CA ASP D 99 6.08 49.44 20.84
C ASP D 99 7.28 50.14 21.52
N SER D 100 8.41 50.27 20.84
CA SER D 100 9.58 50.74 21.52
C SER D 100 9.59 52.29 21.72
N ALA D 101 8.67 52.99 21.08
CA ALA D 101 8.55 54.45 21.27
C ALA D 101 7.54 54.79 22.35
N THR D 102 6.49 54.01 22.46
CA THR D 102 5.41 54.26 23.41
C THR D 102 5.38 53.30 24.61
N CYS D 103 6.22 52.28 24.63
CA CYS D 103 6.11 51.22 25.64
C CYS D 103 4.72 50.52 25.72
N LYS D 104 3.78 50.79 24.81
CA LYS D 104 2.49 50.05 24.87
C LYS D 104 2.57 48.58 24.37
N VAL D 105 1.79 47.68 24.99
CA VAL D 105 1.67 46.32 24.47
C VAL D 105 1.03 46.34 23.09
N VAL D 106 1.62 45.70 22.08
CA VAL D 106 0.98 45.65 20.74
C VAL D 106 0.48 44.28 20.34
N HIS D 107 1.08 43.25 20.94
CA HIS D 107 0.63 41.86 20.71
C HIS D 107 1.01 40.93 21.80
N ARG D 108 0.17 39.96 22.06
CA ARG D 108 0.42 39.04 23.16
C ARG D 108 -0.02 37.65 22.73
N GLU D 109 0.80 36.64 22.95
CA GLU D 109 0.44 35.26 22.55
C GLU D 109 0.75 34.29 23.66
N ASP D 110 -0.27 33.61 24.11
CA ASP D 110 -0.07 32.67 25.17
C ASP D 110 0.64 31.44 24.59
N ILE D 111 1.72 31.01 25.23
CA ILE D 111 2.45 29.85 24.77
C ILE D 111 2.66 28.80 25.89
N SER D 112 1.78 28.79 26.87
CA SER D 112 1.98 27.92 28.02
C SER D 112 2.10 26.48 27.60
N GLY D 113 3.02 25.79 28.24
CA GLY D 113 3.18 24.35 28.06
C GLY D 113 3.92 23.96 26.81
N GLN D 114 4.53 24.95 26.15
CA GLN D 114 5.23 24.73 24.91
C GLN D 114 6.66 25.13 25.01
N ARG D 115 7.57 24.44 24.34
CA ARG D 115 8.90 24.97 24.20
C ARG D 115 8.91 25.97 23.06
N TRP D 116 9.93 26.82 23.00
CA TRP D 116 9.88 27.89 22.03
C TRP D 116 11.23 28.34 21.63
N ALA D 117 11.34 28.86 20.42
CA ALA D 117 12.56 29.51 19.97
C ALA D 117 12.24 30.55 18.93
N VAL D 118 13.04 31.60 18.87
CA VAL D 118 12.85 32.69 17.89
C VAL D 118 14.16 32.88 17.17
N ASP D 119 14.21 32.72 15.86
CA ASP D 119 15.47 32.94 15.13
C ASP D 119 15.19 33.89 13.98
N LYS D 120 16.01 33.80 12.93
CA LYS D 120 15.86 34.58 11.69
C LYS D 120 14.59 34.23 10.93
N ASP D 121 14.16 32.99 11.10
CA ASP D 121 13.05 32.47 10.32
C ASP D 121 11.69 32.70 10.97
N GLY D 122 11.68 33.12 12.24
CA GLY D 122 10.42 33.33 12.93
C GLY D 122 10.30 32.51 14.20
N LEU D 123 9.08 32.16 14.56
CA LEU D 123 8.82 31.52 15.85
C LEU D 123 8.62 30.03 15.67
N ARG D 124 9.21 29.23 16.56
CA ARG D 124 8.86 27.77 16.60
C ARG D 124 8.39 27.37 17.98
N LEU D 125 7.24 26.71 18.04
CA LEU D 125 6.77 26.12 19.28
C LEU D 125 6.72 24.65 19.13
N GLY D 126 7.15 23.95 20.18
CA GLY D 126 6.98 22.49 20.14
C GLY D 126 6.41 21.88 21.39
N GLN D 127 5.81 20.70 21.23
CA GLN D 127 5.31 19.93 22.35
C GLN D 127 5.83 18.52 22.35
N LYS D 128 5.44 17.77 23.39
CA LYS D 128 5.96 16.42 23.64
C LYS D 128 7.47 16.49 23.61
N CYS D 129 8.00 17.44 24.38
CA CYS D 129 9.42 17.64 24.47
C CYS D 129 10.11 16.78 25.49
N SER D 130 11.41 16.59 25.33
CA SER D 130 12.18 15.82 26.31
C SER D 130 13.12 16.76 27.06
N GLY D 131 13.16 18.02 26.66
CA GLY D 131 14.20 18.94 27.11
C GLY D 131 13.65 20.34 27.05
N GLU D 132 14.47 21.34 27.38
CA GLU D 132 13.96 22.72 27.33
C GLU D 132 13.98 23.22 25.89
N SER D 133 14.95 22.75 25.11
CA SER D 133 15.01 23.15 23.72
C SER D 133 13.86 22.57 22.87
N VAL D 134 13.28 23.45 22.07
CA VAL D 134 12.25 23.15 21.13
C VAL D 134 12.62 21.93 20.28
N ASP D 135 13.90 21.76 20.04
CA ASP D 135 14.36 20.63 19.17
C ASP D 135 14.18 19.24 19.77
N SER D 136 14.10 19.14 21.10
CA SER D 136 13.79 17.85 21.75
C SER D 136 12.30 17.50 21.66
N CYS D 137 11.51 18.42 21.12
CA CYS D 137 10.06 18.24 21.00
C CYS D 137 9.69 17.37 19.80
N ALA D 138 8.74 16.46 19.99
CA ALA D 138 8.23 15.59 18.91
C ALA D 138 7.47 16.41 17.88
N LYS D 139 6.40 17.12 18.28
CA LYS D 139 5.67 18.02 17.38
C LYS D 139 6.30 19.36 17.40
N ILE D 140 6.53 19.99 16.25
CA ILE D 140 7.06 21.40 16.21
C ILE D 140 6.35 22.26 15.14
N VAL D 141 5.82 23.42 15.52
CA VAL D 141 5.05 24.25 14.60
C VAL D 141 5.75 25.60 14.39
N LYS D 142 5.86 26.03 13.14
CA LYS D 142 6.38 27.33 12.75
C LYS D 142 5.24 28.29 12.79
N ARG D 143 5.47 29.46 13.39
CA ARG D 143 4.42 30.44 13.58
C ARG D 143 4.99 31.78 13.11
N SER D 144 4.14 32.55 12.44
CA SER D 144 4.52 33.85 11.92
C SER D 144 4.72 34.86 13.05
N LEU D 145 5.70 35.71 12.94
CA LEU D 145 5.81 36.77 13.92
C LEU D 145 5.11 38.07 13.47
N ALA D 146 4.31 37.94 12.44
CA ALA D 146 3.69 39.07 11.82
C ALA D 146 2.84 39.92 12.74
N PRO D 147 1.95 39.33 13.52
CA PRO D 147 1.13 40.18 14.38
C PRO D 147 1.90 40.80 15.52
N PHE D 148 3.15 40.46 15.69
CA PHE D 148 3.99 41.04 16.72
C PHE D 148 4.74 42.24 16.21
N CYS D 149 5.44 42.11 15.13
CA CYS D 149 5.97 43.32 14.66
C CYS D 149 5.23 43.46 13.41
N GLN D 150 4.80 44.66 13.18
CA GLN D 150 3.82 44.94 12.16
C GLN D 150 3.69 46.40 11.79
N THR D 151 2.92 46.64 10.73
CA THR D 151 2.63 47.96 10.21
C THR D 151 1.35 47.87 9.40
N LEU E 4 -15.55 12.55 -38.26
CA LEU E 4 -14.18 13.12 -38.14
C LEU E 4 -13.17 12.27 -38.90
N ASP E 5 -13.63 11.08 -39.26
CA ASP E 5 -13.01 10.25 -40.27
C ASP E 5 -14.05 10.03 -41.35
N GLN E 6 -15.20 10.66 -41.24
CA GLN E 6 -16.34 10.17 -41.97
C GLN E 6 -15.91 9.98 -43.42
N CYS E 7 -14.97 10.79 -43.90
CA CYS E 7 -14.52 10.61 -45.27
C CYS E 7 -14.20 9.16 -45.43
N ILE E 8 -12.98 8.82 -45.10
CA ILE E 8 -12.58 7.45 -44.98
C ILE E 8 -13.84 6.64 -44.90
N VAL E 9 -14.55 6.73 -43.79
CA VAL E 9 -15.64 5.80 -43.71
C VAL E 9 -16.46 5.83 -44.97
N ASN E 10 -16.67 7.02 -45.50
CA ASN E 10 -17.48 7.15 -46.68
C ASN E 10 -16.84 6.46 -47.83
N ALA E 11 -15.53 6.61 -47.95
CA ALA E 11 -14.82 5.96 -49.03
C ALA E 11 -14.87 4.45 -48.88
N CYS E 12 -14.90 3.95 -47.66
CA CYS E 12 -15.03 2.52 -47.54
C CYS E 12 -16.37 2.06 -48.08
N LYS E 13 -17.46 2.69 -47.67
CA LYS E 13 -18.79 2.31 -48.19
C LYS E 13 -18.83 2.26 -49.71
N ASN E 14 -18.25 3.28 -50.33
CA ASN E 14 -18.20 3.43 -51.78
C ASN E 14 -17.31 2.39 -52.46
N SER E 15 -16.14 2.17 -51.89
CA SER E 15 -15.17 1.25 -52.47
C SER E 15 -15.60 -0.21 -52.36
N TRP E 16 -16.60 -0.48 -51.53
CA TRP E 16 -17.07 -1.84 -51.32
C TRP E 16 -17.58 -2.53 -52.55
N ASP E 17 -18.66 -2.01 -53.14
CA ASP E 17 -19.33 -2.61 -54.29
C ASP E 17 -18.51 -2.57 -55.58
N LYS E 18 -17.47 -1.73 -55.57
CA LYS E 18 -16.56 -1.59 -56.69
C LYS E 18 -15.77 -2.87 -56.92
N SER E 19 -15.09 -2.92 -58.06
CA SER E 19 -14.29 -4.07 -58.48
C SER E 19 -12.97 -3.57 -59.07
N TYR E 20 -12.11 -3.01 -58.21
CA TYR E 20 -10.82 -2.45 -58.62
C TYR E 20 -10.10 -3.28 -59.71
N LEU E 21 -10.21 -4.61 -59.59
CA LEU E 21 -9.51 -5.54 -60.48
C LEU E 21 -10.42 -6.44 -61.29
N ALA E 22 -10.51 -6.12 -62.60
CA ALA E 22 -11.24 -6.89 -63.59
C ALA E 22 -12.68 -7.15 -63.16
N GLY E 23 -13.14 -8.39 -63.32
CA GLY E 23 -14.47 -8.81 -62.83
C GLY E 23 -14.51 -9.41 -61.43
N THR E 24 -13.41 -9.29 -60.68
CA THR E 24 -13.35 -9.78 -59.28
C THR E 24 -13.70 -8.66 -58.29
N PRO E 25 -14.95 -8.66 -57.80
CA PRO E 25 -15.45 -7.60 -56.93
C PRO E 25 -14.62 -7.44 -55.67
N ASN E 26 -14.63 -6.24 -55.10
CA ASN E 26 -13.70 -5.91 -54.03
C ASN E 26 -13.92 -6.72 -52.79
N LYS E 27 -15.19 -7.01 -52.49
CA LYS E 27 -15.55 -7.73 -51.27
C LYS E 27 -14.90 -9.09 -51.13
N ASP E 28 -14.30 -9.56 -52.22
CA ASP E 28 -13.66 -10.86 -52.32
C ASP E 28 -12.16 -10.71 -52.58
N ASN E 29 -11.68 -9.47 -52.46
CA ASN E 29 -10.25 -9.15 -52.67
C ASN E 29 -9.81 -8.05 -51.72
N CYS E 30 -9.09 -8.41 -50.67
CA CYS E 30 -8.74 -7.39 -49.68
C CYS E 30 -7.89 -6.25 -50.23
N SER E 31 -6.92 -6.64 -51.06
CA SER E 31 -6.01 -5.72 -51.73
C SER E 31 -6.79 -4.74 -52.59
N GLY E 32 -7.73 -5.27 -53.37
CA GLY E 32 -8.60 -4.50 -54.24
C GLY E 32 -9.42 -3.46 -53.50
N PHE E 33 -10.11 -3.92 -52.46
CA PHE E 33 -10.85 -3.01 -51.57
C PHE E 33 -10.00 -1.87 -51.02
N VAL E 34 -8.83 -2.17 -50.47
CA VAL E 34 -7.98 -1.12 -49.96
C VAL E 34 -7.54 -0.17 -51.07
N GLN E 35 -7.15 -0.71 -52.23
CA GLN E 35 -6.73 0.12 -53.38
C GLN E 35 -7.82 1.12 -53.78
N SER E 36 -9.08 0.69 -53.68
CA SER E 36 -10.19 1.54 -54.05
C SER E 36 -10.44 2.62 -53.01
N VAL E 37 -10.37 2.26 -51.72
CA VAL E 37 -10.49 3.25 -50.62
C VAL E 37 -9.40 4.33 -50.73
N ALA E 38 -8.16 3.88 -50.92
CA ALA E 38 -7.01 4.76 -51.07
C ALA E 38 -7.07 5.60 -52.35
N ALA E 39 -7.81 5.08 -53.35
CA ALA E 39 -8.05 5.81 -54.59
C ALA E 39 -8.92 7.02 -54.26
N GLU E 40 -10.06 6.76 -53.64
CA GLU E 40 -10.99 7.83 -53.29
C GLU E 40 -10.29 8.94 -52.52
N LEU E 41 -9.36 8.60 -51.68
CA LEU E 41 -8.71 9.59 -50.85
C LEU E 41 -7.40 10.09 -51.43
N GLY E 42 -7.08 9.64 -52.64
CA GLY E 42 -5.88 10.12 -53.27
C GLY E 42 -4.67 9.88 -52.42
N VAL E 43 -4.60 8.70 -51.83
CA VAL E 43 -3.41 8.39 -51.09
C VAL E 43 -2.63 7.37 -51.84
N PRO E 44 -1.33 7.57 -51.96
CA PRO E 44 -0.49 6.67 -52.73
C PRO E 44 -0.48 5.29 -52.13
N MET E 45 -0.70 4.28 -52.94
CA MET E 45 -0.79 2.91 -52.46
C MET E 45 0.22 2.07 -53.19
N PRO E 46 1.01 1.29 -52.47
CA PRO E 46 1.92 0.42 -53.20
C PRO E 46 1.02 -0.46 -54.02
N ARG E 47 1.40 -0.72 -55.25
CA ARG E 47 0.63 -1.54 -56.15
C ARG E 47 0.78 -3.02 -55.85
N GLY E 48 -0.17 -3.80 -56.34
CA GLY E 48 -0.08 -5.26 -56.26
C GLY E 48 -1.02 -5.94 -55.27
N ASN E 49 -0.74 -7.21 -54.95
CA ASN E 49 -1.57 -7.98 -54.01
C ASN E 49 -1.27 -7.59 -52.58
N ALA E 50 -1.83 -8.33 -51.64
CA ALA E 50 -1.71 -8.02 -50.23
C ALA E 50 -0.28 -7.97 -49.76
N ASN E 51 0.46 -9.06 -49.96
CA ASN E 51 1.84 -9.10 -49.49
C ASN E 51 2.70 -8.01 -50.09
N ALA E 52 2.52 -7.81 -51.41
CA ALA E 52 3.18 -6.73 -52.10
C ALA E 52 2.93 -5.40 -51.35
N MET E 53 1.66 -5.09 -51.11
CA MET E 53 1.26 -3.88 -50.41
C MET E 53 1.89 -3.80 -49.03
N VAL E 54 1.93 -4.92 -48.31
CA VAL E 54 2.56 -4.94 -47.00
C VAL E 54 4.05 -4.66 -47.02
N ASP E 55 4.79 -5.26 -47.96
CA ASP E 55 6.20 -4.93 -48.18
C ASP E 55 6.33 -3.42 -48.37
N GLY E 56 5.55 -2.91 -49.34
CA GLY E 56 5.49 -1.49 -49.67
C GLY E 56 5.29 -0.59 -48.46
N LEU E 57 4.21 -0.84 -47.72
CA LEU E 57 3.87 -0.04 -46.55
C LEU E 57 4.94 -0.15 -45.49
N GLU E 58 5.51 -1.34 -45.36
CA GLU E 58 6.59 -1.59 -44.43
C GLU E 58 7.77 -0.65 -44.71
N GLN E 59 8.08 -0.45 -45.99
CA GLN E 59 9.17 0.43 -46.41
C GLN E 59 8.83 1.92 -46.26
N SER E 60 7.72 2.33 -46.86
CA SER E 60 7.31 3.75 -46.96
C SER E 60 6.67 4.30 -45.69
N TRP E 61 5.61 3.66 -45.22
CA TRP E 61 4.72 4.27 -44.24
C TRP E 61 5.20 4.25 -42.82
N THR E 62 4.73 5.26 -42.09
CA THR E 62 4.92 5.36 -40.67
C THR E 62 4.23 4.18 -39.98
N LYS E 63 4.97 3.52 -39.10
CA LYS E 63 4.52 2.28 -38.45
C LYS E 63 4.14 2.51 -36.99
N LEU E 64 2.90 2.22 -36.65
CA LEU E 64 2.42 2.44 -35.29
C LEU E 64 2.74 1.26 -34.40
N ALA E 65 2.60 1.42 -33.08
CA ALA E 65 3.07 0.44 -32.09
C ALA E 65 2.01 -0.50 -31.53
N SER E 66 0.75 -0.25 -31.85
CA SER E 66 -0.36 -1.12 -31.42
C SER E 66 -1.62 -0.72 -32.13
N GLY E 67 -2.62 -1.61 -32.09
CA GLY E 67 -3.92 -1.34 -32.64
C GLY E 67 -4.59 -0.18 -31.93
N ALA E 68 -4.29 0.00 -30.65
CA ALA E 68 -4.90 1.08 -29.91
C ALA E 68 -4.44 2.41 -30.47
N GLU E 69 -3.12 2.56 -30.67
CA GLU E 69 -2.55 3.75 -31.27
C GLU E 69 -3.08 3.93 -32.72
N ALA E 70 -3.32 2.81 -33.37
CA ALA E 70 -3.89 2.82 -34.71
C ALA E 70 -5.30 3.40 -34.64
N ALA E 71 -6.08 3.03 -33.62
CA ALA E 71 -7.43 3.62 -33.49
C ALA E 71 -7.36 5.09 -33.21
N GLN E 72 -6.31 5.51 -32.51
CA GLN E 72 -6.10 6.89 -32.20
C GLN E 72 -5.86 7.65 -33.48
N LYS E 73 -4.93 7.18 -34.30
CA LYS E 73 -4.62 7.85 -35.56
C LYS E 73 -5.80 7.87 -36.51
N ALA E 74 -6.50 6.74 -36.59
CA ALA E 74 -7.73 6.69 -37.35
C ALA E 74 -8.81 7.63 -36.82
N ALA E 75 -8.86 7.82 -35.51
CA ALA E 75 -9.86 8.71 -34.93
C ALA E 75 -9.55 10.15 -35.29
N GLN E 76 -8.31 10.39 -35.70
CA GLN E 76 -7.87 11.72 -36.10
C GLN E 76 -7.96 11.89 -37.65
N GLY E 77 -8.77 11.03 -38.30
CA GLY E 77 -9.00 11.06 -39.76
C GLY E 77 -7.77 10.74 -40.62
N PHE E 78 -6.83 10.03 -40.04
CA PHE E 78 -5.72 9.50 -40.82
C PHE E 78 -6.17 8.16 -41.45
N LEU E 79 -5.49 7.72 -42.49
CA LEU E 79 -5.79 6.40 -43.09
C LEU E 79 -4.87 5.38 -42.48
N VAL E 80 -5.44 4.37 -41.83
CA VAL E 80 -4.62 3.34 -41.22
C VAL E 80 -4.89 1.98 -41.83
N ILE E 81 -3.83 1.37 -42.35
CA ILE E 81 -3.92 0.04 -42.89
C ILE E 81 -3.35 -1.01 -41.94
N ALA E 82 -4.18 -1.96 -41.57
CA ALA E 82 -3.71 -3.09 -40.81
C ALA E 82 -3.30 -4.18 -41.79
N GLY E 83 -2.14 -4.78 -41.57
CA GLY E 83 -1.62 -5.68 -42.60
C GLY E 83 -0.82 -6.80 -41.99
N LEU E 84 -0.87 -7.96 -42.63
CA LEU E 84 -0.08 -9.11 -42.22
C LEU E 84 0.19 -9.99 -43.42
N LYS E 85 1.41 -10.50 -43.50
CA LYS E 85 1.81 -11.28 -44.65
C LYS E 85 1.39 -12.73 -44.43
N GLY E 86 1.17 -13.45 -45.52
CA GLY E 86 0.84 -14.86 -45.42
C GLY E 86 1.62 -15.61 -46.48
N ARG E 87 1.77 -16.92 -46.34
CA ARG E 87 2.60 -17.66 -47.29
C ARG E 87 1.97 -17.63 -48.69
N THR E 88 0.66 -17.78 -48.74
CA THR E 88 -0.05 -17.77 -50.01
C THR E 88 -0.72 -16.40 -50.16
N TYR E 89 -1.64 -16.08 -49.25
CA TYR E 89 -2.43 -14.86 -49.36
C TYR E 89 -2.42 -14.02 -48.10
N GLY E 90 -1.75 -12.88 -48.19
CA GLY E 90 -1.71 -11.91 -47.09
C GLY E 90 -3.04 -11.23 -46.93
N HIS E 91 -3.14 -10.34 -45.97
CA HIS E 91 -4.35 -9.60 -45.79
C HIS E 91 -4.08 -8.21 -45.35
N VAL E 92 -4.88 -7.29 -45.90
CA VAL E 92 -4.93 -5.91 -45.42
C VAL E 92 -6.37 -5.45 -45.16
N ALA E 93 -6.46 -4.47 -44.26
CA ALA E 93 -7.72 -3.91 -43.80
C ALA E 93 -7.60 -2.44 -43.50
N VAL E 94 -8.73 -1.75 -43.54
CA VAL E 94 -8.74 -0.34 -43.26
C VAL E 94 -9.19 -0.22 -41.83
N VAL E 95 -8.41 0.51 -41.02
CA VAL E 95 -8.74 0.66 -39.62
C VAL E 95 -9.50 1.94 -39.45
N ILE E 96 -10.67 1.81 -38.85
CA ILE E 96 -11.45 2.97 -38.52
C ILE E 96 -11.57 3.16 -37.02
N SER E 97 -12.03 4.34 -36.63
CA SER E 97 -12.26 4.62 -35.22
C SER E 97 -13.56 3.95 -34.87
N GLY E 98 -13.51 3.19 -33.79
CA GLY E 98 -14.71 2.65 -33.19
C GLY E 98 -14.25 2.20 -31.83
N PRO E 99 -15.17 1.53 -31.10
CA PRO E 99 -14.75 0.95 -29.82
C PRO E 99 -13.80 -0.16 -30.16
N LEU E 100 -12.91 -0.51 -29.25
CA LEU E 100 -12.00 -1.61 -29.57
C LEU E 100 -12.57 -2.90 -29.04
N TYR E 101 -12.57 -3.93 -29.87
CA TYR E 101 -13.02 -5.24 -29.46
C TYR E 101 -12.00 -5.77 -28.51
N ARG E 102 -12.46 -6.21 -27.36
CA ARG E 102 -11.59 -6.74 -26.34
C ARG E 102 -10.75 -5.58 -25.83
N GLN E 103 -11.19 -4.38 -26.16
CA GLN E 103 -10.56 -3.20 -25.65
C GLN E 103 -9.20 -3.23 -26.26
N LYS E 104 -9.04 -4.01 -27.32
CA LYS E 104 -7.74 -4.18 -27.91
C LYS E 104 -7.64 -4.02 -29.41
N TYR E 105 -8.69 -4.39 -30.12
CA TYR E 105 -8.57 -4.53 -31.55
C TYR E 105 -9.51 -3.60 -32.23
N PRO E 106 -8.99 -2.82 -33.14
CA PRO E 106 -9.76 -1.78 -33.81
C PRO E 106 -10.73 -2.28 -34.85
N MET E 107 -11.83 -1.57 -35.01
CA MET E 107 -12.83 -1.91 -36.02
C MET E 107 -12.20 -1.71 -37.38
N CYS E 108 -12.66 -2.48 -38.35
CA CYS E 108 -12.12 -2.35 -39.66
C CYS E 108 -13.11 -2.60 -40.81
N TRP E 109 -12.67 -2.24 -42.00
CA TRP E 109 -13.32 -2.60 -43.23
C TRP E 109 -12.34 -3.45 -44.00
N CYS E 110 -12.82 -4.59 -44.49
CA CYS E 110 -12.02 -5.38 -45.44
C CYS E 110 -12.86 -6.35 -46.26
N GLY E 111 -12.37 -6.63 -47.47
CA GLY E 111 -12.89 -7.73 -48.25
C GLY E 111 -12.02 -8.96 -47.97
N SER E 112 -12.51 -10.16 -48.29
CA SER E 112 -11.71 -11.35 -48.10
C SER E 112 -12.11 -12.45 -49.07
N ILE E 113 -11.12 -13.15 -49.69
CA ILE E 113 -11.39 -14.27 -50.56
C ILE E 113 -11.89 -15.38 -49.69
N ALA E 114 -11.60 -15.32 -48.38
CA ALA E 114 -11.96 -16.46 -47.49
C ALA E 114 -13.48 -16.69 -47.44
N GLY E 115 -14.20 -15.65 -47.85
CA GLY E 115 -15.67 -15.64 -47.97
C GLY E 115 -16.24 -14.53 -47.08
N ALA E 116 -17.57 -14.55 -46.93
CA ALA E 116 -18.31 -13.53 -46.19
C ALA E 116 -17.88 -13.50 -44.73
N VAL E 117 -17.47 -14.63 -44.18
CA VAL E 117 -17.05 -14.67 -42.78
C VAL E 117 -15.81 -13.84 -42.51
N GLY E 118 -14.97 -13.67 -43.55
CA GLY E 118 -13.75 -12.85 -43.44
C GLY E 118 -13.95 -11.38 -43.84
N GLN E 119 -15.19 -11.06 -44.26
CA GLN E 119 -15.58 -9.71 -44.63
C GLN E 119 -15.98 -8.89 -43.40
N SER E 120 -15.54 -7.65 -43.34
CA SER E 120 -16.01 -6.68 -42.35
C SER E 120 -16.49 -5.44 -43.08
N GLN E 121 -17.77 -5.11 -42.89
CA GLN E 121 -18.32 -3.84 -43.34
C GLN E 121 -18.37 -2.83 -42.18
N GLY E 122 -17.25 -2.69 -41.49
CA GLY E 122 -17.18 -1.79 -40.34
C GLY E 122 -17.68 -2.41 -39.05
N LEU E 123 -18.36 -3.54 -39.15
CA LEU E 123 -18.96 -4.16 -37.97
C LEU E 123 -18.15 -5.33 -37.39
N LYS E 124 -16.95 -5.56 -37.91
CA LYS E 124 -15.99 -6.48 -37.29
C LYS E 124 -14.65 -5.75 -36.96
N SER E 125 -14.02 -6.10 -35.83
CA SER E 125 -12.67 -5.65 -35.60
C SER E 125 -11.66 -6.52 -36.37
N VAL E 126 -10.40 -6.07 -36.41
CA VAL E 126 -9.29 -6.85 -37.01
C VAL E 126 -9.12 -8.12 -36.20
N GLY E 127 -9.72 -8.10 -35.02
CA GLY E 127 -9.64 -9.23 -34.12
C GLY E 127 -10.71 -10.25 -34.30
N GLN E 128 -11.62 -10.02 -35.24
CA GLN E 128 -12.62 -11.01 -35.61
C GLN E 128 -12.47 -11.32 -37.10
N VAL E 129 -11.38 -10.83 -37.67
CA VAL E 129 -11.08 -11.08 -39.05
C VAL E 129 -9.89 -12.02 -39.05
N TRP E 130 -8.86 -11.69 -38.27
CA TRP E 130 -7.65 -12.51 -38.12
C TRP E 130 -7.82 -13.30 -36.88
N ASN E 131 -7.25 -14.51 -36.84
CA ASN E 131 -7.46 -15.37 -35.68
C ASN E 131 -6.62 -14.96 -34.52
N ARG E 132 -6.76 -15.66 -33.39
CA ARG E 132 -6.07 -15.25 -32.17
C ARG E 132 -4.57 -15.06 -32.33
N THR E 133 -3.91 -16.01 -33.02
CA THR E 133 -2.48 -15.94 -33.27
C THR E 133 -2.17 -14.70 -34.09
N ASP E 134 -2.77 -14.60 -35.28
CA ASP E 134 -2.46 -13.54 -36.23
C ASP E 134 -2.81 -12.18 -35.65
N ARG E 135 -3.92 -12.14 -34.93
CA ARG E 135 -4.40 -10.95 -34.20
C ARG E 135 -3.32 -10.13 -33.47
N ASP E 136 -2.32 -10.80 -32.89
CA ASP E 136 -1.29 -10.09 -32.10
C ASP E 136 -0.02 -9.91 -32.89
N ARG E 137 -0.04 -10.24 -34.17
CA ARG E 137 1.13 -10.11 -35.00
C ARG E 137 0.96 -9.02 -36.04
N LEU E 138 -0.18 -8.34 -36.02
CA LEU E 138 -0.51 -7.36 -37.06
C LEU E 138 0.41 -6.18 -37.03
N ASN E 139 0.64 -5.63 -38.21
CA ASN E 139 1.39 -4.41 -38.36
C ASN E 139 0.45 -3.32 -38.79
N TYR E 140 0.59 -2.18 -38.13
CA TYR E 140 -0.23 -1.04 -38.43
C TYR E 140 0.57 0.06 -39.10
N TYR E 141 0.05 0.50 -40.25
CA TYR E 141 0.66 1.51 -41.08
C TYR E 141 -0.26 2.73 -41.23
N VAL E 142 0.32 3.91 -41.25
CA VAL E 142 -0.47 5.11 -41.43
C VAL E 142 0.10 6.11 -42.42
N TYR E 143 -0.78 6.90 -43.00
CA TYR E 143 -0.35 7.91 -43.94
C TYR E 143 -0.07 9.19 -43.21
N SER E 144 1.08 9.76 -43.48
CA SER E 144 1.69 10.74 -42.63
C SER E 144 0.87 11.99 -42.51
N LEU E 145 0.08 12.29 -43.53
CA LEU E 145 -0.69 13.52 -43.53
C LEU E 145 -2.18 13.32 -43.70
N ALA E 146 -2.95 13.72 -42.70
CA ALA E 146 -4.34 13.34 -42.62
C ALA E 146 -5.03 13.82 -43.83
N SER E 147 -5.83 12.96 -44.44
CA SER E 147 -6.55 13.30 -45.64
C SER E 147 -7.97 13.68 -45.30
N CYS E 148 -8.27 13.57 -44.03
CA CYS E 148 -9.58 13.90 -43.59
C CYS E 148 -9.51 15.20 -42.91
N SER E 149 -10.46 16.05 -43.25
CA SER E 149 -10.49 17.37 -42.68
C SER E 149 -11.48 17.47 -41.54
N CYS F 4 -16.41 -42.45 -42.76
CA CYS F 4 -15.64 -41.26 -43.12
C CYS F 4 -16.18 -40.55 -44.31
N THR F 5 -17.42 -40.16 -44.16
CA THR F 5 -18.20 -39.45 -45.09
C THR F 5 -18.72 -38.39 -44.18
N PHE F 6 -18.68 -37.16 -44.60
CA PHE F 6 -18.90 -36.06 -43.69
C PHE F 6 -20.23 -35.39 -43.88
N THR F 7 -20.89 -35.09 -42.79
CA THR F 7 -22.22 -34.49 -42.84
C THR F 7 -22.18 -33.23 -42.02
N GLN F 8 -22.58 -32.14 -42.65
CA GLN F 8 -22.57 -30.86 -42.03
C GLN F 8 -23.37 -30.85 -40.74
N LEU F 9 -22.79 -30.23 -39.71
CA LEU F 9 -23.41 -30.14 -38.41
C LEU F 9 -24.01 -28.75 -38.16
N GLU F 10 -25.29 -28.74 -37.81
CA GLU F 10 -26.00 -27.50 -37.73
C GLU F 10 -25.64 -26.89 -36.36
N ILE F 11 -25.14 -25.64 -36.27
CA ILE F 11 -24.81 -25.05 -34.95
C ILE F 11 -25.82 -24.01 -34.49
N VAL F 12 -26.47 -24.24 -33.36
CA VAL F 12 -27.58 -23.42 -32.89
C VAL F 12 -27.42 -22.95 -31.43
N PRO F 13 -28.19 -21.94 -31.03
CA PRO F 13 -28.19 -21.55 -29.62
C PRO F 13 -28.57 -22.74 -28.74
N GLN F 14 -27.81 -23.00 -27.65
CA GLN F 14 -28.16 -24.04 -26.66
C GLN F 14 -29.01 -23.46 -25.54
N PHE F 15 -30.15 -24.11 -25.27
CA PHE F 15 -31.15 -23.57 -24.36
C PHE F 15 -30.68 -23.58 -22.90
N GLY F 16 -30.59 -22.39 -22.33
CA GLY F 16 -30.13 -22.25 -20.96
C GLY F 16 -28.63 -22.18 -20.78
N SER F 17 -27.90 -22.16 -21.89
CA SER F 17 -26.50 -21.82 -21.85
C SER F 17 -26.48 -20.49 -22.56
N PRO F 18 -26.04 -19.49 -21.84
CA PRO F 18 -26.30 -18.14 -22.25
C PRO F 18 -25.66 -17.76 -23.55
N ASN F 19 -24.41 -18.11 -23.75
CA ASN F 19 -23.77 -17.66 -24.94
C ASN F 19 -23.15 -18.76 -25.75
N MET F 20 -23.70 -19.93 -25.55
CA MET F 20 -23.22 -21.12 -26.15
C MET F 20 -23.95 -21.45 -27.46
N PHE F 21 -23.16 -21.82 -28.46
CA PHE F 21 -23.70 -22.31 -29.68
C PHE F 21 -23.22 -23.74 -29.90
N GLY F 22 -24.15 -24.64 -30.21
CA GLY F 22 -23.71 -26.02 -30.38
C GLY F 22 -24.50 -26.82 -31.36
N GLY F 23 -24.05 -28.07 -31.53
CA GLY F 23 -24.70 -29.03 -32.39
C GLY F 23 -24.31 -30.40 -31.93
N GLU F 24 -25.16 -31.38 -32.16
CA GLU F 24 -24.78 -32.72 -31.79
C GLU F 24 -25.41 -33.70 -32.78
N ASP F 25 -24.85 -34.91 -32.85
CA ASP F 25 -25.56 -36.00 -33.47
C ASP F 25 -25.46 -37.20 -32.54
N GLU F 26 -25.77 -38.39 -33.02
CA GLU F 26 -25.63 -39.64 -32.27
C GLU F 26 -24.21 -39.85 -31.59
N HIS F 27 -23.13 -39.37 -32.22
CA HIS F 27 -21.77 -39.63 -31.74
C HIS F 27 -21.08 -38.48 -31.04
N VAL F 28 -21.20 -37.30 -31.63
CA VAL F 28 -20.42 -36.17 -31.20
C VAL F 28 -21.24 -34.94 -30.89
N ARG F 29 -20.79 -34.17 -29.91
CA ARG F 29 -21.40 -32.88 -29.63
C ARG F 29 -20.32 -31.85 -29.73
N VAL F 30 -20.60 -30.76 -30.44
CA VAL F 30 -19.67 -29.67 -30.55
C VAL F 30 -20.26 -28.40 -29.95
N MET F 31 -19.45 -27.66 -29.18
CA MET F 31 -19.87 -26.35 -28.68
C MET F 31 -18.84 -25.22 -28.80
N PHE F 32 -19.35 -23.99 -28.96
CA PHE F 32 -18.55 -22.79 -29.04
C PHE F 32 -19.14 -21.82 -28.02
N SER F 33 -18.35 -20.82 -27.64
CA SER F 33 -18.91 -19.72 -26.88
C SER F 33 -18.82 -18.53 -27.76
N ASN F 34 -19.90 -17.78 -27.79
CA ASN F 34 -19.93 -16.56 -28.52
C ASN F 34 -19.48 -15.47 -27.56
N GLU F 35 -18.42 -14.76 -27.91
CA GLU F 35 -17.93 -13.70 -27.03
C GLU F 35 -18.02 -12.34 -27.73
N ASP F 36 -18.60 -12.36 -28.92
CA ASP F 36 -19.03 -11.13 -29.57
C ASP F 36 -20.16 -10.46 -28.75
N PRO F 37 -19.88 -9.28 -28.18
CA PRO F 37 -20.86 -8.57 -27.36
C PRO F 37 -22.06 -8.05 -28.19
N ASN F 38 -21.84 -7.84 -29.49
CA ASN F 38 -22.83 -7.18 -30.35
C ASN F 38 -23.70 -8.13 -31.12
N ASP F 39 -23.19 -9.34 -31.36
CA ASP F 39 -23.92 -10.32 -32.18
C ASP F 39 -24.48 -11.46 -31.37
N ASP F 40 -25.81 -11.57 -31.42
CA ASP F 40 -26.53 -12.69 -30.86
C ASP F 40 -26.78 -13.78 -31.92
N ASN F 41 -26.36 -13.52 -33.16
CA ASN F 41 -26.46 -14.50 -34.25
C ASN F 41 -25.20 -14.51 -35.15
N PRO F 42 -24.04 -14.90 -34.59
CA PRO F 42 -22.82 -14.74 -35.31
C PRO F 42 -22.60 -15.87 -36.32
N ASP F 43 -21.75 -15.60 -37.29
CA ASP F 43 -21.47 -16.56 -38.27
C ASP F 43 -20.13 -17.24 -37.97
N ALA F 44 -19.38 -16.73 -37.01
CA ALA F 44 -18.03 -17.26 -36.75
C ALA F 44 -17.66 -17.19 -35.27
N PHE F 45 -16.72 -18.02 -34.83
CA PHE F 45 -16.25 -18.01 -33.43
C PHE F 45 -14.75 -17.91 -33.40
N PRO F 46 -14.27 -16.72 -33.01
CA PRO F 46 -12.84 -16.48 -33.02
C PRO F 46 -12.16 -16.87 -31.74
N GLU F 47 -12.89 -16.97 -30.63
CA GLU F 47 -12.21 -17.31 -29.38
C GLU F 47 -12.35 -18.81 -29.10
N PRO F 48 -11.21 -19.49 -28.83
CA PRO F 48 -11.19 -20.85 -28.23
C PRO F 48 -11.74 -20.79 -26.78
N PRO F 49 -11.96 -21.93 -26.13
CA PRO F 49 -11.86 -23.31 -26.66
C PRO F 49 -13.12 -23.71 -27.40
N VAL F 50 -13.04 -24.81 -28.16
CA VAL F 50 -14.17 -25.45 -28.80
C VAL F 50 -14.35 -26.71 -27.98
N TYR F 51 -15.56 -27.01 -27.53
CA TYR F 51 -15.79 -28.18 -26.70
C TYR F 51 -16.30 -29.35 -27.57
N LEU F 52 -15.60 -30.50 -27.57
CA LEU F 52 -16.11 -31.69 -28.22
C LEU F 52 -16.43 -32.74 -27.19
N ALA F 53 -17.60 -33.38 -27.36
CA ALA F 53 -18.02 -34.47 -26.47
C ALA F 53 -18.22 -35.76 -27.23
N ASP F 54 -17.58 -36.82 -26.73
CA ASP F 54 -17.75 -38.13 -27.29
C ASP F 54 -18.89 -38.82 -26.55
N ARG F 55 -20.03 -38.94 -27.21
CA ARG F 55 -21.21 -39.53 -26.60
C ARG F 55 -21.15 -41.04 -26.48
N ASP F 56 -20.24 -41.69 -27.20
CA ASP F 56 -20.09 -43.12 -27.04
C ASP F 56 -19.28 -43.53 -25.82
N SER F 57 -18.53 -42.57 -25.30
CA SER F 57 -17.61 -42.84 -24.22
C SER F 57 -18.03 -42.08 -22.97
N GLY F 58 -18.70 -40.94 -23.17
CA GLY F 58 -19.09 -40.09 -22.07
C GLY F 58 -17.98 -39.14 -21.67
N ASN F 59 -16.91 -39.08 -22.47
CA ASN F 59 -15.82 -38.14 -22.18
C ASN F 59 -15.81 -36.93 -23.09
N ASP F 60 -15.13 -35.86 -22.66
CA ASP F 60 -14.96 -34.70 -23.51
C ASP F 60 -13.60 -34.07 -23.45
N CYS F 61 -13.24 -33.32 -24.48
CA CYS F 61 -11.99 -32.55 -24.52
C CYS F 61 -12.24 -31.18 -25.14
N ARG F 62 -11.22 -30.34 -25.08
CA ARG F 62 -11.27 -28.99 -25.56
C ARG F 62 -10.27 -28.81 -26.69
N ILE F 63 -10.65 -28.04 -27.72
CA ILE F 63 -9.63 -27.59 -28.66
C ILE F 63 -9.27 -26.21 -28.17
N GLU F 64 -7.99 -26.05 -27.85
CA GLU F 64 -7.55 -24.94 -27.10
C GLU F 64 -7.04 -23.81 -27.98
N ASP F 65 -6.88 -24.07 -29.27
CA ASP F 65 -6.31 -23.05 -30.15
C ASP F 65 -6.69 -23.28 -31.56
N GLY F 66 -6.72 -22.22 -32.34
CA GLY F 66 -7.11 -22.37 -33.70
C GLY F 66 -7.81 -21.17 -34.33
N GLY F 67 -8.09 -21.37 -35.64
CA GLY F 67 -8.21 -20.28 -36.67
C GLY F 67 -9.58 -19.94 -36.36
N ILE F 68 -10.10 -18.83 -36.92
CA ILE F 68 -11.47 -18.44 -36.58
C ILE F 68 -12.38 -19.51 -37.12
N TRP F 69 -13.21 -20.12 -36.24
CA TRP F 69 -14.17 -21.19 -36.62
C TRP F 69 -15.43 -20.65 -37.26
N SER F 70 -15.79 -21.17 -38.44
CA SER F 70 -17.01 -20.73 -39.13
C SER F 70 -18.19 -21.54 -38.64
N ARG F 71 -19.23 -20.85 -38.26
CA ARG F 71 -20.39 -21.57 -37.81
C ARG F 71 -20.92 -22.25 -39.07
N GLY F 72 -21.30 -23.48 -39.04
CA GLY F 72 -21.73 -23.87 -40.41
C GLY F 72 -20.59 -24.15 -41.38
N GLY F 73 -19.39 -24.33 -40.82
CA GLY F 73 -18.34 -24.96 -41.54
C GLY F 73 -17.89 -26.12 -40.69
N VAL F 74 -18.80 -26.70 -39.92
CA VAL F 74 -18.46 -27.83 -39.08
C VAL F 74 -19.11 -29.08 -39.68
N PHE F 75 -18.31 -30.16 -39.80
CA PHE F 75 -18.77 -31.44 -40.39
C PHE F 75 -18.43 -32.59 -39.47
N LEU F 76 -19.25 -33.61 -39.36
CA LEU F 76 -18.87 -34.80 -38.60
C LEU F 76 -18.76 -35.99 -39.55
N SER F 77 -17.81 -36.87 -39.30
CA SER F 77 -17.67 -38.05 -40.13
C SER F 77 -18.71 -39.04 -39.67
N GLN F 78 -19.08 -39.96 -40.54
CA GLN F 78 -20.12 -40.89 -40.22
C GLN F 78 -19.86 -41.72 -39.01
N ASP F 79 -18.62 -42.11 -38.78
CA ASP F 79 -18.36 -42.99 -37.66
C ASP F 79 -18.21 -42.21 -36.36
N GLY F 80 -18.20 -40.88 -36.44
CA GLY F 80 -18.07 -40.08 -35.25
C GLY F 80 -16.63 -39.86 -34.77
N ARG F 81 -15.64 -40.38 -35.48
CA ARG F 81 -14.23 -40.29 -35.09
C ARG F 81 -13.61 -38.94 -35.43
N ARG F 82 -14.09 -38.26 -36.47
CA ARG F 82 -13.46 -37.03 -36.92
C ARG F 82 -14.42 -35.88 -36.93
N VAL F 83 -13.91 -34.69 -36.63
CA VAL F 83 -14.68 -33.47 -36.77
C VAL F 83 -13.91 -32.56 -37.72
N LEU F 84 -14.57 -32.10 -38.75
CA LEU F 84 -13.87 -31.39 -39.77
C LEU F 84 -14.32 -29.98 -39.68
N MET F 85 -13.41 -29.03 -39.62
CA MET F 85 -13.85 -27.67 -39.37
C MET F 85 -13.21 -26.67 -40.29
N HIS F 86 -14.00 -25.75 -40.79
CA HIS F 86 -13.42 -24.64 -41.58
C HIS F 86 -12.93 -23.53 -40.67
N GLU F 87 -11.71 -23.10 -40.90
CA GLU F 87 -10.99 -22.10 -40.04
C GLU F 87 -10.36 -21.12 -40.97
N PHE F 88 -10.44 -19.87 -40.60
CA PHE F 88 -9.93 -18.81 -41.47
C PHE F 88 -9.24 -17.77 -40.66
N SER F 89 -8.39 -17.01 -41.31
CA SER F 89 -7.65 -15.94 -40.66
C SER F 89 -7.25 -15.04 -41.77
N GLY F 90 -7.89 -13.90 -41.83
CA GLY F 90 -7.48 -12.86 -42.75
C GLY F 90 -8.03 -13.18 -44.11
N SER F 91 -7.14 -13.45 -45.06
CA SER F 91 -7.57 -13.97 -46.36
C SER F 91 -7.29 -15.50 -46.51
N SER F 92 -6.81 -16.12 -45.45
CA SER F 92 -6.28 -17.43 -45.58
C SER F 92 -7.31 -18.32 -44.94
N ALA F 93 -7.40 -19.55 -45.40
CA ALA F 93 -8.40 -20.44 -44.83
C ALA F 93 -7.89 -21.87 -44.94
N GLU F 94 -8.48 -22.74 -44.15
CA GLU F 94 -8.09 -24.11 -44.15
C GLU F 94 -9.24 -24.99 -43.68
N LEU F 95 -9.14 -26.28 -43.97
CA LEU F 95 -10.05 -27.24 -43.32
C LEU F 95 -9.18 -28.04 -42.41
N VAL F 96 -9.64 -28.23 -41.18
CA VAL F 96 -8.82 -28.93 -40.19
C VAL F 96 -9.63 -30.08 -39.59
N SER F 97 -9.11 -31.28 -39.59
CA SER F 97 -9.86 -32.42 -39.08
C SER F 97 -9.26 -32.71 -37.72
N TYR F 98 -10.12 -32.78 -36.71
CA TYR F 98 -9.73 -33.12 -35.34
C TYR F 98 -10.27 -34.48 -34.90
N ASP F 99 -9.55 -35.14 -34.01
CA ASP F 99 -9.99 -36.43 -33.50
C ASP F 99 -11.02 -36.15 -32.42
N SER F 100 -12.16 -36.83 -32.45
CA SER F 100 -13.26 -36.42 -31.57
C SER F 100 -13.07 -36.99 -30.19
N ALA F 101 -12.10 -37.86 -30.01
CA ALA F 101 -11.85 -38.36 -28.66
C ALA F 101 -10.73 -37.59 -27.93
N THR F 102 -9.75 -37.10 -28.68
CA THR F 102 -8.56 -36.54 -28.08
C THR F 102 -8.47 -35.03 -28.37
N CYS F 103 -9.30 -34.54 -29.27
CA CYS F 103 -9.17 -33.17 -29.78
C CYS F 103 -7.83 -32.87 -30.46
N LYS F 104 -7.00 -33.87 -30.71
CA LYS F 104 -5.80 -33.66 -31.52
C LYS F 104 -6.10 -33.37 -32.99
N VAL F 105 -5.47 -32.33 -33.54
CA VAL F 105 -5.48 -32.14 -34.97
C VAL F 105 -4.95 -33.40 -35.65
N VAL F 106 -5.72 -33.96 -36.58
CA VAL F 106 -5.19 -35.10 -37.35
C VAL F 106 -4.84 -34.73 -38.79
N HIS F 107 -5.43 -33.67 -39.34
CA HIS F 107 -5.00 -33.20 -40.68
C HIS F 107 -5.46 -31.78 -40.95
N ARG F 108 -4.66 -31.05 -41.68
CA ARG F 108 -4.94 -29.63 -41.89
C ARG F 108 -4.64 -29.33 -43.34
N GLU F 109 -5.59 -28.71 -44.04
CA GLU F 109 -5.38 -28.47 -45.47
C GLU F 109 -5.57 -27.01 -45.85
N ASP F 110 -4.55 -26.43 -46.45
CA ASP F 110 -4.64 -25.01 -46.84
C ASP F 110 -5.56 -24.82 -48.03
N ILE F 111 -6.59 -23.99 -47.92
CA ILE F 111 -7.46 -23.77 -49.06
C ILE F 111 -7.55 -22.30 -49.40
N SER F 112 -6.52 -21.57 -49.03
CA SER F 112 -6.55 -20.13 -49.24
C SER F 112 -6.73 -19.85 -50.72
N GLY F 113 -7.54 -18.82 -51.00
CA GLY F 113 -7.81 -18.38 -52.36
C GLY F 113 -8.85 -19.18 -53.12
N GLN F 114 -9.37 -20.26 -52.54
CA GLN F 114 -10.23 -21.14 -53.31
C GLN F 114 -11.60 -21.15 -52.72
N ARG F 115 -12.62 -21.26 -53.57
CA ARG F 115 -13.93 -21.58 -53.08
C ARG F 115 -13.98 -23.08 -52.84
N TRP F 116 -14.85 -23.48 -51.93
CA TRP F 116 -14.83 -24.88 -51.54
C TRP F 116 -16.18 -25.45 -51.25
N ALA F 117 -16.24 -26.78 -51.28
CA ALA F 117 -17.39 -27.60 -50.90
C ALA F 117 -16.96 -29.02 -50.49
N VAL F 118 -17.56 -29.48 -49.39
CA VAL F 118 -17.40 -30.81 -48.88
C VAL F 118 -18.68 -31.60 -49.15
N ASP F 119 -18.57 -32.67 -49.92
CA ASP F 119 -19.72 -33.53 -50.09
C ASP F 119 -19.34 -34.97 -49.76
N LYS F 120 -20.00 -35.94 -50.37
CA LYS F 120 -19.73 -37.34 -50.07
C LYS F 120 -18.65 -37.86 -51.02
N ASP F 121 -18.63 -37.32 -52.24
CA ASP F 121 -17.59 -37.61 -53.25
C ASP F 121 -16.18 -37.22 -52.83
N GLY F 122 -16.10 -36.29 -51.88
CA GLY F 122 -14.85 -35.69 -51.54
C GLY F 122 -14.93 -34.18 -51.55
N LEU F 123 -13.80 -33.56 -51.80
CA LEU F 123 -13.65 -32.13 -51.65
C LEU F 123 -13.53 -31.48 -53.03
N ARG F 124 -14.22 -30.37 -53.22
CA ARG F 124 -14.12 -29.62 -54.46
C ARG F 124 -13.61 -28.21 -54.18
N LEU F 125 -12.59 -27.82 -54.91
CA LEU F 125 -11.96 -26.51 -54.74
C LEU F 125 -12.01 -25.81 -56.07
N GLY F 126 -12.49 -24.58 -56.07
CA GLY F 126 -12.80 -23.87 -57.29
C GLY F 126 -11.95 -22.66 -57.55
N GLN F 127 -12.07 -22.10 -58.74
CA GLN F 127 -11.27 -20.97 -59.15
C GLN F 127 -11.98 -20.26 -60.24
N LYS F 128 -11.67 -19.00 -60.47
CA LYS F 128 -12.33 -18.35 -61.59
C LYS F 128 -13.80 -18.40 -61.31
N CYS F 129 -14.15 -17.72 -60.25
CA CYS F 129 -15.35 -17.98 -59.53
C CYS F 129 -16.22 -16.75 -59.52
N SER F 130 -17.53 -16.95 -59.63
CA SER F 130 -18.45 -15.84 -59.83
C SER F 130 -19.33 -15.63 -58.63
N GLY F 131 -19.06 -16.41 -57.62
CA GLY F 131 -19.79 -16.38 -56.36
C GLY F 131 -18.99 -17.02 -55.25
N GLU F 132 -19.57 -17.12 -54.06
CA GLU F 132 -18.90 -17.82 -52.96
C GLU F 132 -18.97 -19.36 -53.11
N SER F 133 -20.05 -19.80 -53.75
CA SER F 133 -20.26 -21.20 -54.08
C SER F 133 -19.25 -21.67 -55.11
N VAL F 134 -18.71 -22.85 -54.91
CA VAL F 134 -17.78 -23.47 -55.85
C VAL F 134 -18.38 -23.66 -57.23
N ASP F 135 -19.69 -23.87 -57.28
CA ASP F 135 -20.37 -24.15 -58.54
C ASP F 135 -20.31 -22.99 -59.50
N SER F 136 -20.17 -21.81 -58.94
CA SER F 136 -19.93 -20.64 -59.74
C SER F 136 -18.56 -20.77 -60.27
N CYS F 137 -17.73 -21.56 -59.63
CA CYS F 137 -16.35 -21.54 -60.00
C CYS F 137 -16.17 -21.94 -61.42
N ALA F 138 -15.21 -21.34 -62.08
CA ALA F 138 -14.97 -21.71 -63.46
C ALA F 138 -14.34 -23.07 -63.49
N LYS F 139 -13.14 -23.16 -62.94
CA LYS F 139 -12.32 -24.35 -63.07
C LYS F 139 -12.23 -25.02 -61.73
N ILE F 140 -12.53 -26.31 -61.68
CA ILE F 140 -12.80 -26.99 -60.40
C ILE F 140 -11.94 -28.25 -60.19
N VAL F 141 -11.31 -28.38 -59.04
CA VAL F 141 -10.52 -29.59 -58.74
C VAL F 141 -11.21 -30.45 -57.69
N LYS F 142 -11.40 -31.75 -57.97
CA LYS F 142 -11.82 -32.71 -56.92
C LYS F 142 -10.58 -33.25 -56.21
N ARG F 143 -10.72 -33.52 -54.92
CA ARG F 143 -9.59 -33.90 -54.11
C ARG F 143 -10.12 -34.84 -53.05
N SER F 144 -9.29 -35.79 -52.63
CA SER F 144 -9.71 -36.83 -51.71
C SER F 144 -9.89 -36.31 -50.29
N LEU F 145 -10.87 -36.86 -49.59
CA LEU F 145 -11.04 -36.58 -48.16
C LEU F 145 -10.35 -37.59 -47.24
N ALA F 146 -9.66 -38.53 -47.82
CA ALA F 146 -9.12 -39.59 -47.00
C ALA F 146 -8.29 -39.08 -45.87
N PRO F 147 -7.31 -38.27 -46.20
CA PRO F 147 -6.34 -37.84 -45.21
C PRO F 147 -7.00 -37.19 -44.04
N PHE F 148 -8.28 -36.90 -44.10
CA PHE F 148 -8.92 -36.20 -43.01
C PHE F 148 -9.44 -37.19 -42.03
N CYS F 149 -9.26 -38.45 -42.29
CA CYS F 149 -9.76 -39.43 -41.37
C CYS F 149 -9.22 -40.75 -41.80
N GLN F 150 -8.69 -41.51 -40.86
CA GLN F 150 -8.28 -42.88 -41.16
C GLN F 150 -8.87 -43.79 -40.12
N THR F 151 -8.99 -45.06 -40.48
CA THR F 151 -9.28 -46.11 -39.50
C THR F 151 -7.98 -46.74 -39.09
N LEU G 4 2.02 -52.96 9.32
CA LEU G 4 3.37 -53.11 8.70
C LEU G 4 4.27 -51.90 8.97
N ASP G 5 3.64 -50.76 9.23
CA ASP G 5 4.29 -49.60 9.85
C ASP G 5 3.60 -49.39 11.21
N GLN G 6 2.91 -50.42 11.68
CA GLN G 6 2.26 -50.36 12.98
C GLN G 6 3.27 -50.20 14.10
N CYS G 7 4.36 -50.94 14.04
CA CYS G 7 5.37 -50.77 15.06
C CYS G 7 5.30 -49.35 15.51
N ILE G 8 5.27 -48.47 14.52
CA ILE G 8 5.44 -47.06 14.70
C ILE G 8 4.15 -46.40 15.10
N VAL G 9 3.21 -46.43 14.18
CA VAL G 9 1.96 -45.75 14.38
C VAL G 9 1.56 -45.93 15.79
N ASN G 10 1.77 -47.15 16.26
CA ASN G 10 1.32 -47.48 17.57
C ASN G 10 2.10 -46.68 18.57
N ALA G 11 3.37 -46.54 18.28
CA ALA G 11 4.26 -45.75 19.08
C ALA G 11 3.68 -44.36 19.23
N CYS G 12 3.28 -43.78 18.12
CA CYS G 12 2.80 -42.41 18.16
C CYS G 12 1.63 -42.26 19.10
N LYS G 13 0.67 -43.16 18.97
CA LYS G 13 -0.52 -43.12 19.83
C LYS G 13 -0.13 -43.20 21.30
N ASN G 14 0.85 -44.05 21.60
CA ASN G 14 1.35 -44.21 22.97
C ASN G 14 2.10 -42.97 23.49
N SER G 15 2.98 -42.42 22.65
CA SER G 15 3.79 -41.25 23.04
C SER G 15 2.97 -39.97 23.21
N TRP G 16 1.74 -40.00 22.72
CA TRP G 16 0.86 -38.83 22.73
C TRP G 16 0.58 -38.27 24.10
N ASP G 17 -0.14 -39.05 24.91
CA ASP G 17 -0.52 -38.68 26.28
C ASP G 17 0.67 -38.56 27.28
N LYS G 18 1.84 -39.08 26.91
CA LYS G 18 3.05 -38.97 27.74
C LYS G 18 3.58 -37.54 27.84
N SER G 19 4.53 -37.32 28.75
CA SER G 19 5.14 -36.00 28.92
C SER G 19 6.64 -36.14 29.13
N TYR G 20 7.33 -36.49 28.05
CA TYR G 20 8.79 -36.64 28.04
C TYR G 20 9.56 -35.62 28.90
N LEU G 21 9.08 -34.39 28.93
CA LEU G 21 9.75 -33.32 29.66
C LEU G 21 8.91 -32.71 30.77
N ALA G 22 9.24 -33.02 32.02
CA ALA G 22 8.62 -32.40 33.20
C ALA G 22 7.08 -32.42 33.15
N GLY G 23 6.45 -31.29 33.49
CA GLY G 23 5.00 -31.14 33.44
C GLY G 23 4.54 -30.49 32.16
N THR G 24 5.40 -30.55 31.15
CA THR G 24 5.09 -30.05 29.81
C THR G 24 4.72 -31.25 28.90
N PRO G 25 3.41 -31.50 28.75
CA PRO G 25 2.91 -32.67 28.01
C PRO G 25 3.42 -32.68 26.58
N ASN G 26 3.44 -33.86 25.97
CA ASN G 26 3.98 -33.98 24.63
C ASN G 26 3.16 -33.21 23.59
N LYS G 27 1.83 -33.28 23.71
CA LYS G 27 0.91 -32.63 22.75
C LYS G 27 1.15 -31.10 22.64
N ASP G 28 1.96 -30.56 23.56
CA ASP G 28 2.30 -29.13 23.54
C ASP G 28 3.79 -28.91 23.27
N ASN G 29 4.50 -29.99 22.91
CA ASN G 29 5.93 -29.94 22.71
C ASN G 29 6.33 -30.90 21.60
N CYS G 30 6.62 -30.35 20.43
CA CYS G 30 7.03 -31.15 19.28
C CYS G 30 8.26 -32.01 19.54
N SER G 31 9.33 -31.40 20.05
CA SER G 31 10.57 -32.10 20.40
C SER G 31 10.28 -33.27 21.33
N GLY G 32 9.49 -33.01 22.37
CA GLY G 32 9.12 -34.01 23.38
C GLY G 32 8.45 -35.23 22.79
N PHE G 33 7.36 -34.98 22.04
CA PHE G 33 6.63 -36.06 21.35
C PHE G 33 7.53 -36.92 20.48
N VAL G 34 8.40 -36.27 19.70
CA VAL G 34 9.35 -37.00 18.87
C VAL G 34 10.31 -37.85 19.72
N GLN G 35 10.87 -37.24 20.78
CA GLN G 35 11.79 -37.95 21.69
C GLN G 35 11.15 -39.18 22.35
N SER G 36 9.85 -39.09 22.62
CA SER G 36 9.06 -40.17 23.19
C SER G 36 8.80 -41.27 22.19
N VAL G 37 8.42 -40.90 20.96
CA VAL G 37 8.22 -41.89 19.88
C VAL G 37 9.52 -42.65 19.64
N ALA G 38 10.62 -41.89 19.56
CA ALA G 38 11.97 -42.43 19.33
C ALA G 38 12.45 -43.28 20.51
N ALA G 39 11.93 -42.96 21.69
CA ALA G 39 12.21 -43.73 22.90
C ALA G 39 11.58 -45.11 22.79
N GLU G 40 10.26 -45.13 22.64
CA GLU G 40 9.51 -46.38 22.57
C GLU G 40 9.97 -47.27 21.41
N LEU G 41 10.55 -46.65 20.41
CA LEU G 41 11.08 -47.39 19.28
C LEU G 41 12.57 -47.62 19.41
N GLY G 42 13.16 -47.17 20.49
CA GLY G 42 14.56 -47.45 20.69
C GLY G 42 15.40 -46.95 19.56
N VAL G 43 15.21 -45.69 19.21
CA VAL G 43 16.01 -45.08 18.18
C VAL G 43 16.79 -43.89 18.71
N PRO G 44 17.95 -43.66 18.13
CA PRO G 44 18.86 -42.67 18.67
C PRO G 44 18.54 -41.31 18.14
N MET G 45 18.13 -40.44 19.03
CA MET G 45 17.64 -39.13 18.70
C MET G 45 18.52 -38.08 19.33
N PRO G 46 18.93 -37.10 18.57
CA PRO G 46 19.83 -36.10 19.13
C PRO G 46 19.11 -35.36 20.23
N ARG G 47 19.90 -34.91 21.19
CA ARG G 47 19.44 -34.16 22.35
C ARG G 47 19.06 -32.75 22.00
N GLY G 48 18.26 -32.15 22.86
CA GLY G 48 17.95 -30.72 22.80
C GLY G 48 16.53 -30.44 22.30
N ASN G 49 16.27 -29.16 22.08
CA ASN G 49 14.99 -28.67 21.57
C ASN G 49 14.84 -28.97 20.05
N ALA G 50 13.83 -28.38 19.42
CA ALA G 50 13.59 -28.57 18.01
C ALA G 50 14.80 -28.26 17.14
N ASN G 51 15.32 -27.04 17.26
CA ASN G 51 16.40 -26.59 16.41
C ASN G 51 17.61 -27.48 16.54
N ALA G 52 17.95 -27.78 17.78
CA ALA G 52 19.05 -28.69 18.10
C ALA G 52 18.84 -30.05 17.42
N MET G 53 17.63 -30.60 17.51
CA MET G 53 17.29 -31.87 16.86
C MET G 53 17.45 -31.86 15.36
N VAL G 54 17.06 -30.75 14.73
CA VAL G 54 17.22 -30.58 13.30
C VAL G 54 18.72 -30.59 12.92
N ASP G 55 19.53 -29.90 13.69
CA ASP G 55 20.98 -29.94 13.50
C ASP G 55 21.53 -31.36 13.63
N GLY G 56 21.09 -32.07 14.67
CA GLY G 56 21.47 -33.46 14.89
C GLY G 56 21.21 -34.34 13.68
N LEU G 57 19.93 -34.33 13.25
CA LEU G 57 19.46 -35.13 12.11
C LEU G 57 20.14 -34.73 10.84
N GLU G 58 20.41 -33.44 10.71
CA GLU G 58 21.15 -32.91 9.57
C GLU G 58 22.54 -33.56 9.40
N GLN G 59 23.25 -33.75 10.51
CA GLN G 59 24.59 -34.37 10.44
C GLN G 59 24.52 -35.89 10.28
N SER G 60 23.74 -36.54 11.16
CA SER G 60 23.76 -38.01 11.30
C SER G 60 22.88 -38.69 10.30
N TRP G 61 21.64 -38.23 10.16
CA TRP G 61 20.61 -39.01 9.46
C TRP G 61 20.65 -38.97 7.95
N THR G 62 20.15 -40.03 7.33
CA THR G 62 19.97 -40.09 5.88
C THR G 62 18.88 -39.10 5.50
N LYS G 63 19.21 -38.22 4.58
CA LYS G 63 18.30 -37.19 4.14
C LYS G 63 17.56 -37.59 2.86
N LEU G 64 16.23 -37.63 2.93
CA LEU G 64 15.36 -37.99 1.79
C LEU G 64 15.17 -36.78 0.86
N ALA G 65 14.78 -37.02 -0.39
CA ALA G 65 14.73 -35.93 -1.37
C ALA G 65 13.34 -35.33 -1.48
N SER G 66 12.30 -36.06 -1.08
CA SER G 66 10.93 -35.53 -1.23
C SER G 66 9.99 -36.11 -0.18
N GLY G 67 8.91 -35.37 0.08
CA GLY G 67 7.82 -35.84 0.96
C GLY G 67 7.24 -37.18 0.56
N ALA G 68 7.22 -37.43 -0.74
CA ALA G 68 6.72 -38.70 -1.25
C ALA G 68 7.67 -39.86 -0.92
N GLU G 69 8.98 -39.64 -1.08
CA GLU G 69 9.97 -40.64 -0.69
C GLU G 69 9.89 -40.86 0.80
N ALA G 70 9.62 -39.78 1.55
CA ALA G 70 9.48 -39.84 3.00
C ALA G 70 8.36 -40.77 3.38
N ALA G 71 7.21 -40.57 2.76
CA ALA G 71 6.07 -41.44 2.99
C ALA G 71 6.38 -42.89 2.58
N GLN G 72 7.25 -43.06 1.58
CA GLN G 72 7.61 -44.41 1.16
C GLN G 72 8.44 -45.13 2.20
N LYS G 73 9.48 -44.47 2.73
CA LYS G 73 10.30 -45.07 3.77
C LYS G 73 9.45 -45.35 5.01
N ALA G 74 8.56 -44.41 5.35
CA ALA G 74 7.64 -44.61 6.47
C ALA G 74 6.69 -45.81 6.24
N ALA G 75 6.24 -45.98 5.00
CA ALA G 75 5.39 -47.10 4.66
C ALA G 75 6.14 -48.43 4.80
N GLN G 76 7.47 -48.37 4.74
CA GLN G 76 8.33 -49.56 4.90
C GLN G 76 8.78 -49.77 6.34
N GLY G 77 7.96 -49.30 7.28
CA GLY G 77 8.24 -49.39 8.70
C GLY G 77 9.51 -48.69 9.18
N PHE G 78 10.07 -47.77 8.39
CA PHE G 78 11.15 -46.90 8.88
C PHE G 78 10.62 -45.76 9.76
N LEU G 79 11.51 -45.09 10.50
CA LEU G 79 11.11 -43.89 11.24
C LEU G 79 11.52 -42.67 10.43
N VAL G 80 10.54 -41.83 10.10
CA VAL G 80 10.82 -40.65 9.31
C VAL G 80 10.45 -39.38 10.05
N ILE G 81 11.44 -38.50 10.18
CA ILE G 81 11.20 -37.22 10.82
C ILE G 81 11.19 -36.09 9.77
N ALA G 82 10.11 -35.31 9.79
CA ALA G 82 10.03 -34.05 9.06
C ALA G 82 10.49 -32.93 10.01
N GLY G 83 11.44 -32.10 9.55
CA GLY G 83 11.85 -30.96 10.36
C GLY G 83 12.24 -29.70 9.61
N LEU G 84 12.07 -28.56 10.28
CA LEU G 84 12.45 -27.23 9.79
C LEU G 84 12.76 -26.27 10.96
N LYS G 85 13.86 -25.52 10.83
CA LYS G 85 14.29 -24.61 11.91
C LYS G 85 13.62 -23.27 11.76
N GLY G 86 13.40 -22.60 12.89
CA GLY G 86 12.82 -21.28 12.88
C GLY G 86 13.69 -20.38 13.70
N ARG G 87 13.65 -19.08 13.41
CA ARG G 87 14.35 -18.08 14.20
C ARG G 87 14.00 -18.22 15.71
N THR G 88 12.76 -18.60 16.00
CA THR G 88 12.31 -18.71 17.38
C THR G 88 12.26 -20.18 17.79
N TYR G 89 11.24 -20.86 17.30
CA TYR G 89 11.01 -22.23 17.69
C TYR G 89 10.86 -23.01 16.41
N GLY G 90 11.79 -23.94 16.19
CA GLY G 90 11.73 -24.86 15.05
C GLY G 90 10.69 -25.91 15.34
N HIS G 91 10.54 -26.89 14.44
CA HIS G 91 9.50 -27.88 14.59
C HIS G 91 9.90 -29.15 13.93
N VAL G 92 9.48 -30.25 14.55
CA VAL G 92 9.70 -31.60 14.04
C VAL G 92 8.41 -32.42 14.20
N ALA G 93 8.27 -33.40 13.30
CA ALA G 93 7.08 -34.25 13.26
C ALA G 93 7.41 -35.64 12.77
N VAL G 94 6.55 -36.60 13.13
CA VAL G 94 6.72 -37.96 12.65
C VAL G 94 5.90 -38.16 11.39
N VAL G 95 6.55 -38.61 10.32
CA VAL G 95 5.86 -38.98 9.10
C VAL G 95 5.31 -40.43 9.16
N ILE G 96 4.04 -40.59 8.79
CA ILE G 96 3.43 -41.89 8.61
C ILE G 96 2.98 -42.05 7.16
N SER G 97 2.72 -43.30 6.74
CA SER G 97 2.18 -43.56 5.40
C SER G 97 0.74 -43.04 5.31
N GLY G 98 0.30 -42.73 4.09
CA GLY G 98 -1.06 -42.24 3.86
C GLY G 98 -1.08 -41.37 2.62
N PRO G 99 -2.28 -41.00 2.11
CA PRO G 99 -2.40 -40.09 0.94
C PRO G 99 -1.65 -38.77 1.14
N LEU G 100 -1.04 -38.25 0.07
CA LEU G 100 -0.40 -36.95 0.15
C LEU G 100 -1.40 -35.83 -0.09
N TYR G 101 -1.46 -34.93 0.88
CA TYR G 101 -2.29 -33.74 0.83
C TYR G 101 -1.76 -32.86 -0.30
N ARG G 102 -2.67 -32.48 -1.21
CA ARG G 102 -2.35 -31.84 -2.51
C ARG G 102 -1.24 -32.57 -3.28
N GLN G 103 -1.30 -33.88 -3.19
CA GLN G 103 -0.40 -34.76 -3.90
C GLN G 103 1.06 -34.47 -3.63
N LYS G 104 1.37 -33.89 -2.49
CA LYS G 104 2.72 -33.46 -2.24
C LYS G 104 3.20 -33.56 -0.77
N TYR G 105 2.26 -33.51 0.17
CA TYR G 105 2.58 -33.48 1.61
C TYR G 105 2.07 -34.69 2.39
N PRO G 106 2.99 -35.49 2.99
CA PRO G 106 2.66 -36.74 3.71
C PRO G 106 1.99 -36.55 5.06
N MET G 107 1.21 -37.54 5.49
CA MET G 107 0.48 -37.49 6.76
C MET G 107 1.44 -37.52 7.95
N CYS G 108 1.07 -36.88 9.06
CA CYS G 108 1.97 -36.88 10.24
C CYS G 108 1.33 -36.86 11.62
N TRP G 109 2.18 -37.11 12.60
CA TRP G 109 1.88 -36.94 14.01
C TRP G 109 2.83 -35.94 14.54
N CYS G 110 2.33 -34.97 15.30
CA CYS G 110 3.18 -34.01 16.01
C CYS G 110 2.38 -33.29 17.09
N GLY G 111 3.08 -32.79 18.10
CA GLY G 111 2.48 -31.89 19.08
C GLY G 111 3.00 -30.48 18.79
N SER G 112 2.37 -29.45 19.36
CA SER G 112 2.81 -28.09 19.04
C SER G 112 2.46 -27.07 20.11
N ILE G 113 3.41 -26.15 20.33
CA ILE G 113 3.23 -25.06 21.28
C ILE G 113 2.30 -24.03 20.69
N ALA G 114 2.18 -24.05 19.37
CA ALA G 114 1.22 -23.16 18.68
C ALA G 114 -0.24 -23.28 19.21
N GLY G 115 -0.62 -24.50 19.62
CA GLY G 115 -1.90 -24.77 20.24
C GLY G 115 -2.42 -26.06 19.65
N ALA G 116 -3.71 -26.34 19.86
CA ALA G 116 -4.34 -27.54 19.34
C ALA G 116 -4.45 -27.51 17.81
N VAL G 117 -4.48 -26.30 17.25
CA VAL G 117 -4.59 -26.12 15.80
C VAL G 117 -3.39 -26.71 15.11
N GLY G 118 -2.24 -26.65 15.81
CA GLY G 118 -0.96 -27.09 15.28
C GLY G 118 -0.66 -28.54 15.61
N GLN G 119 -1.62 -29.21 16.25
CA GLN G 119 -1.48 -30.63 16.63
C GLN G 119 -2.09 -31.57 15.60
N SER G 120 -1.37 -32.66 15.29
CA SER G 120 -1.86 -33.69 14.34
C SER G 120 -1.82 -35.08 14.94
N GLN G 121 -2.97 -35.74 14.97
CA GLN G 121 -3.05 -37.12 15.48
C GLN G 121 -3.23 -38.06 14.29
N GLY G 122 -2.35 -37.89 13.30
CA GLY G 122 -2.41 -38.63 12.04
C GLY G 122 -3.48 -38.17 11.05
N LEU G 123 -4.10 -37.03 11.37
CA LEU G 123 -5.26 -36.51 10.65
C LEU G 123 -4.86 -35.39 9.69
N LYS G 124 -3.67 -34.86 9.90
CA LYS G 124 -3.19 -33.75 9.15
C LYS G 124 -1.88 -34.16 8.51
N SER G 125 -1.66 -33.67 7.31
CA SER G 125 -0.38 -33.83 6.64
C SER G 125 0.51 -32.76 7.20
N VAL G 126 1.82 -32.90 6.99
CA VAL G 126 2.78 -31.86 7.32
C VAL G 126 2.45 -30.55 6.62
N GLY G 127 1.70 -30.65 5.52
CA GLY G 127 1.23 -29.45 4.80
C GLY G 127 0.02 -28.75 5.37
N GLN G 128 -0.50 -29.28 6.49
CA GLN G 128 -1.58 -28.63 7.22
C GLN G 128 -1.10 -28.37 8.62
N VAL G 129 0.21 -28.39 8.82
CA VAL G 129 0.81 -28.06 10.12
C VAL G 129 1.84 -26.95 9.88
N TRP G 130 2.55 -27.02 8.77
CA TRP G 130 3.33 -25.90 8.32
C TRP G 130 2.56 -25.12 7.28
N ASN G 131 2.66 -23.77 7.30
CA ASN G 131 2.00 -22.89 6.32
C ASN G 131 2.59 -23.01 4.92
N ARG G 132 1.98 -22.36 3.93
CA ARG G 132 2.39 -22.49 2.51
C ARG G 132 3.85 -22.29 2.26
N THR G 133 4.42 -21.25 2.83
CA THR G 133 5.84 -20.98 2.71
C THR G 133 6.62 -22.17 3.26
N ASP G 134 6.51 -22.39 4.57
CA ASP G 134 7.28 -23.42 5.29
C ASP G 134 7.09 -24.80 4.74
N ARG G 135 5.87 -25.09 4.32
CA ARG G 135 5.45 -26.33 3.72
C ARG G 135 6.43 -26.99 2.73
N ASP G 136 7.09 -26.16 1.91
CA ASP G 136 7.95 -26.67 0.85
C ASP G 136 9.41 -26.56 1.22
N ARG G 137 9.70 -26.14 2.45
CA ARG G 137 11.10 -25.92 2.85
C ARG G 137 11.52 -27.02 3.81
N LEU G 138 10.63 -28.00 3.98
CA LEU G 138 10.81 -29.08 4.92
C LEU G 138 11.92 -29.96 4.48
N ASN G 139 12.59 -30.54 5.46
CA ASN G 139 13.55 -31.58 5.25
C ASN G 139 13.02 -32.88 5.81
N TYR G 140 13.28 -33.97 5.08
CA TYR G 140 12.92 -35.30 5.53
C TYR G 140 14.14 -36.10 5.87
N TYR G 141 14.09 -36.70 7.05
CA TYR G 141 15.22 -37.47 7.56
C TYR G 141 14.71 -38.85 7.93
N VAL G 142 15.55 -39.86 7.70
CA VAL G 142 15.20 -41.22 8.06
C VAL G 142 16.35 -41.94 8.76
N TYR G 143 15.98 -42.75 9.76
CA TYR G 143 16.91 -43.70 10.37
C TYR G 143 17.11 -44.96 9.49
N SER G 144 18.35 -45.34 9.27
CA SER G 144 18.67 -46.45 8.37
C SER G 144 18.39 -47.92 8.79
N LEU G 145 17.71 -48.20 9.88
CA LEU G 145 17.27 -49.58 10.14
C LEU G 145 15.84 -49.72 10.69
N ALA G 146 14.99 -50.50 10.05
CA ALA G 146 13.57 -50.36 10.32
C ALA G 146 13.25 -50.76 11.72
N SER G 147 12.71 -49.81 12.46
CA SER G 147 12.32 -50.04 13.83
C SER G 147 11.23 -51.06 13.80
N CYS G 148 10.34 -50.83 12.85
CA CYS G 148 9.47 -51.81 12.27
C CYS G 148 10.47 -52.73 11.60
N SER G 149 10.12 -54.00 11.45
CA SER G 149 10.94 -54.87 10.63
C SER G 149 10.32 -56.24 10.69
N CYS H 4 -7.28 0.81 20.10
CA CYS H 4 -8.23 0.05 19.32
C CYS H 4 -8.68 -1.12 20.10
N THR H 5 -9.94 -1.50 19.93
CA THR H 5 -10.50 -2.63 20.62
C THR H 5 -10.91 -3.68 19.64
N PHE H 6 -10.42 -4.88 19.84
CA PHE H 6 -10.69 -5.98 18.94
C PHE H 6 -11.68 -6.96 19.54
N THR H 7 -12.61 -7.42 18.70
CA THR H 7 -13.58 -8.35 19.20
C THR H 7 -13.55 -9.58 18.38
N GLN H 8 -13.45 -10.72 19.04
CA GLN H 8 -13.49 -11.94 18.32
C GLN H 8 -14.70 -12.09 17.41
N LEU H 9 -14.48 -12.68 16.26
CA LEU H 9 -15.51 -12.98 15.33
C LEU H 9 -15.63 -14.51 15.26
N GLU H 10 -16.83 -15.01 15.53
CA GLU H 10 -17.17 -16.41 15.25
C GLU H 10 -17.08 -16.74 13.73
N ILE H 11 -16.48 -17.88 13.36
CA ILE H 11 -16.41 -18.30 11.95
C ILE H 11 -17.22 -19.59 11.75
N VAL H 12 -18.22 -19.55 10.88
CA VAL H 12 -19.13 -20.71 10.76
C VAL H 12 -19.42 -21.06 9.30
N PRO H 13 -19.94 -22.26 9.02
CA PRO H 13 -20.40 -22.55 7.63
C PRO H 13 -21.31 -21.45 7.05
N GLN H 14 -21.11 -21.06 5.80
CA GLN H 14 -21.91 -20.02 5.15
C GLN H 14 -22.99 -20.59 4.35
N PHE H 15 -24.17 -20.06 4.50
CA PHE H 15 -25.31 -20.55 3.81
C PHE H 15 -25.09 -20.38 2.33
N GLY H 16 -25.36 -21.45 1.60
CA GLY H 16 -25.44 -21.42 0.15
C GLY H 16 -24.11 -21.52 -0.53
N SER H 17 -23.05 -21.54 0.27
CA SER H 17 -21.71 -21.72 -0.24
C SER H 17 -21.12 -22.87 0.49
N PRO H 18 -20.68 -23.87 -0.24
CA PRO H 18 -20.26 -25.11 0.38
C PRO H 18 -18.79 -25.08 0.69
N ASN H 19 -18.42 -25.45 1.89
CA ASN H 19 -17.03 -25.51 2.18
C ASN H 19 -16.51 -24.17 2.54
N MET H 20 -17.38 -23.19 2.58
CA MET H 20 -17.00 -21.85 2.94
C MET H 20 -17.34 -21.60 4.38
N PHE H 21 -16.46 -20.91 5.07
CA PHE H 21 -16.65 -20.56 6.45
C PHE H 21 -16.47 -19.09 6.65
N GLY H 22 -17.34 -18.47 7.39
CA GLY H 22 -17.21 -17.04 7.65
C GLY H 22 -17.98 -16.43 8.83
N GLY H 23 -17.83 -15.12 8.96
CA GLY H 23 -18.54 -14.39 9.97
C GLY H 23 -18.53 -12.94 9.57
N GLU H 24 -19.44 -12.19 10.14
CA GLU H 24 -19.48 -10.81 9.80
C GLU H 24 -19.86 -10.02 11.04
N ASP H 25 -19.58 -8.73 10.99
CA ASP H 25 -20.23 -7.82 11.89
C ASP H 25 -20.82 -6.66 11.09
N GLU H 26 -21.13 -5.59 11.79
CA GLU H 26 -21.74 -4.45 11.18
C GLU H 26 -20.90 -3.92 9.96
N HIS H 27 -19.57 -4.16 9.93
CA HIS H 27 -18.64 -3.56 8.92
C HIS H 27 -17.95 -4.53 7.97
N VAL H 28 -17.54 -5.69 8.47
CA VAL H 28 -16.64 -6.52 7.70
C VAL H 28 -17.10 -7.96 7.70
N ARG H 29 -16.95 -8.62 6.56
CA ARG H 29 -17.22 -10.05 6.54
C ARG H 29 -15.95 -10.76 6.14
N VAL H 30 -15.57 -11.75 6.96
CA VAL H 30 -14.41 -12.58 6.70
C VAL H 30 -14.85 -13.95 6.17
N MET H 31 -14.21 -14.45 5.11
CA MET H 31 -14.49 -15.82 4.60
C MET H 31 -13.24 -16.65 4.26
N PHE H 32 -13.33 -17.95 4.57
CA PHE H 32 -12.32 -18.95 4.24
C PHE H 32 -12.89 -20.11 3.39
N SER H 33 -12.06 -20.82 2.63
CA SER H 33 -12.53 -22.09 2.04
C SER H 33 -11.87 -23.28 2.71
N ASN H 34 -12.68 -24.26 3.05
CA ASN H 34 -12.21 -25.51 3.59
C ASN H 34 -11.77 -26.39 2.47
N GLU H 35 -10.50 -26.75 2.45
CA GLU H 35 -10.04 -27.68 1.42
C GLU H 35 -9.57 -28.98 2.02
N ASP H 36 -9.74 -29.14 3.33
CA ASP H 36 -9.48 -30.41 4.00
C ASP H 36 -10.43 -31.54 3.54
N PRO H 37 -9.88 -32.57 2.88
CA PRO H 37 -10.66 -33.74 2.34
C PRO H 37 -11.32 -34.62 3.40
N ASN H 38 -10.71 -34.65 4.59
CA ASN H 38 -11.18 -35.46 5.70
C ASN H 38 -12.11 -34.77 6.73
N ASP H 39 -12.11 -33.43 6.81
CA ASP H 39 -12.79 -32.78 7.91
C ASP H 39 -13.81 -31.81 7.38
N ASP H 40 -15.09 -32.05 7.66
CA ASP H 40 -16.10 -31.06 7.29
C ASP H 40 -16.25 -29.89 8.30
N ASN H 41 -15.56 -29.97 9.43
CA ASN H 41 -15.63 -28.96 10.50
C ASN H 41 -14.23 -28.74 11.12
N PRO H 42 -13.38 -28.01 10.42
CA PRO H 42 -11.96 -27.79 10.73
C PRO H 42 -11.67 -26.62 11.68
N ASP H 43 -10.49 -26.58 12.30
CA ASP H 43 -10.16 -25.55 13.29
C ASP H 43 -9.21 -24.52 12.71
N ALA H 44 -8.82 -24.76 11.45
CA ALA H 44 -7.85 -23.93 10.77
C ALA H 44 -8.00 -24.05 9.26
N PHE H 45 -7.46 -23.07 8.55
CA PHE H 45 -7.51 -22.96 7.12
C PHE H 45 -6.12 -22.58 6.65
N PRO H 46 -5.39 -23.54 6.02
CA PRO H 46 -4.03 -23.36 5.56
C PRO H 46 -3.88 -22.85 4.12
N GLU H 47 -4.98 -22.92 3.38
CA GLU H 47 -5.00 -22.49 1.99
C GLU H 47 -5.65 -21.12 1.85
N PRO H 48 -4.89 -20.18 1.32
CA PRO H 48 -5.41 -18.86 0.85
C PRO H 48 -6.25 -19.09 -0.39
N PRO H 49 -7.05 -18.11 -0.80
CA PRO H 49 -7.20 -16.77 -0.24
C PRO H 49 -8.15 -16.67 0.91
N VAL H 50 -8.04 -15.57 1.66
CA VAL H 50 -9.03 -15.27 2.65
C VAL H 50 -9.82 -14.10 2.04
N TYR H 51 -11.15 -14.09 2.16
CA TYR H 51 -11.89 -12.99 1.54
C TYR H 51 -12.33 -11.98 2.55
N LEU H 52 -12.02 -10.71 2.34
CA LEU H 52 -12.61 -9.68 3.20
C LEU H 52 -13.58 -8.80 2.44
N ALA H 53 -14.76 -8.60 3.03
CA ALA H 53 -15.78 -7.79 2.40
C ALA H 53 -16.04 -6.61 3.27
N ASP H 54 -16.08 -5.44 2.64
CA ASP H 54 -16.35 -4.21 3.30
C ASP H 54 -17.84 -3.96 3.12
N ARG H 55 -18.58 -4.10 4.22
CA ARG H 55 -20.05 -4.05 4.15
C ARG H 55 -20.53 -2.64 4.00
N ASP H 56 -19.69 -1.67 4.33
CA ASP H 56 -20.11 -0.29 4.17
C ASP H 56 -19.96 0.22 2.73
N SER H 57 -19.03 -0.35 1.98
CA SER H 57 -18.74 0.12 0.63
C SER H 57 -19.24 -0.83 -0.48
N GLY H 58 -19.47 -2.09 -0.15
CA GLY H 58 -19.83 -3.11 -1.14
C GLY H 58 -18.64 -3.61 -1.97
N ASN H 59 -17.43 -3.20 -1.61
CA ASN H 59 -16.23 -3.75 -2.25
C ASN H 59 -15.61 -4.83 -1.38
N ASP H 60 -14.74 -5.63 -2.00
CA ASP H 60 -14.03 -6.71 -1.29
C ASP H 60 -12.65 -6.95 -1.91
N CYS H 61 -11.83 -7.72 -1.20
CA CYS H 61 -10.54 -8.02 -1.71
C CYS H 61 -10.15 -9.37 -1.15
N ARG H 62 -9.06 -9.91 -1.68
CA ARG H 62 -8.52 -11.18 -1.18
C ARG H 62 -7.15 -11.03 -0.47
N ILE H 63 -6.92 -11.80 0.58
CA ILE H 63 -5.57 -11.98 1.12
C ILE H 63 -4.99 -13.25 0.51
N GLU H 64 -3.97 -13.12 -0.35
CA GLU H 64 -3.50 -14.21 -1.20
C GLU H 64 -2.40 -15.07 -0.57
N ASP H 65 -1.72 -14.54 0.43
CA ASP H 65 -0.71 -15.35 1.10
C ASP H 65 -0.74 -15.13 2.59
N GLY H 66 -0.18 -16.08 3.34
CA GLY H 66 -0.34 -16.05 4.79
C GLY H 66 -0.43 -17.41 5.45
N GLY H 67 0.03 -17.46 6.72
CA GLY H 67 0.48 -18.68 7.44
C GLY H 67 -0.84 -19.26 7.76
N ILE H 68 -0.88 -20.39 8.46
CA ILE H 68 -2.19 -21.08 8.61
C ILE H 68 -3.12 -20.30 9.47
N TRP H 69 -4.27 -19.93 8.95
CA TRP H 69 -5.24 -19.16 9.75
C TRP H 69 -6.01 -20.01 10.74
N SER H 70 -5.99 -19.65 12.02
CA SER H 70 -6.83 -20.28 13.04
C SER H 70 -8.25 -19.80 12.91
N ARG H 71 -9.20 -20.70 12.71
CA ARG H 71 -10.62 -20.36 12.73
C ARG H 71 -10.83 -19.95 14.17
N GLY H 72 -11.51 -18.90 14.45
CA GLY H 72 -11.50 -18.64 15.88
C GLY H 72 -10.26 -18.00 16.48
N GLY H 73 -9.34 -17.53 15.63
CA GLY H 73 -8.31 -16.56 15.96
C GLY H 73 -8.50 -15.34 15.06
N VAL H 74 -9.74 -15.05 14.65
CA VAL H 74 -10.08 -13.85 13.88
C VAL H 74 -10.79 -12.78 14.76
N PHE H 75 -10.32 -11.53 14.66
CA PHE H 75 -10.86 -10.40 15.41
C PHE H 75 -11.08 -9.20 14.50
N LEU H 76 -12.05 -8.39 14.85
CA LEU H 76 -12.35 -7.19 14.12
C LEU H 76 -12.14 -5.98 15.00
N SER H 77 -11.54 -4.95 14.44
CA SER H 77 -11.37 -3.70 15.15
C SER H 77 -12.71 -3.04 15.22
N GLN H 78 -12.88 -2.18 16.20
CA GLN H 78 -14.17 -1.58 16.46
C GLN H 78 -14.69 -0.82 15.27
N ASP H 79 -13.82 -0.09 14.59
CA ASP H 79 -14.20 0.77 13.50
C ASP H 79 -14.38 0.04 12.20
N GLY H 80 -13.97 -1.21 12.19
CA GLY H 80 -14.03 -2.03 11.00
C GLY H 80 -12.84 -1.90 10.09
N ARG H 81 -11.90 -1.06 10.47
CA ARG H 81 -10.68 -0.86 9.73
C ARG H 81 -9.68 -2.01 9.70
N ARG H 82 -9.55 -2.72 10.79
CA ARG H 82 -8.52 -3.72 10.88
C ARG H 82 -9.08 -5.09 11.21
N VAL H 83 -8.49 -6.09 10.62
CA VAL H 83 -8.83 -7.47 10.91
C VAL H 83 -7.55 -8.02 11.50
N LEU H 84 -7.64 -8.61 12.68
CA LEU H 84 -6.44 -9.13 13.30
C LEU H 84 -6.56 -10.62 13.27
N MET H 85 -5.53 -11.32 12.82
CA MET H 85 -5.71 -12.76 12.60
C MET H 85 -4.57 -13.52 13.23
N HIS H 86 -4.84 -14.69 13.78
CA HIS H 86 -3.78 -15.48 14.35
C HIS H 86 -3.37 -16.45 13.33
N GLU H 87 -2.09 -16.47 13.01
CA GLU H 87 -1.57 -17.38 11.97
C GLU H 87 -0.40 -18.19 12.52
N PHE H 88 -0.24 -19.40 12.04
CA PHE H 88 0.77 -20.25 12.64
C PHE H 88 1.41 -21.13 11.61
N SER H 89 2.62 -21.56 11.89
CA SER H 89 3.31 -22.51 11.06
C SER H 89 4.30 -23.32 11.87
N GLY H 90 3.98 -24.57 12.09
CA GLY H 90 4.92 -25.50 12.71
C GLY H 90 4.81 -25.33 14.18
N SER H 91 5.89 -24.84 14.78
CA SER H 91 5.82 -24.45 16.17
C SER H 91 5.74 -22.92 16.34
N SER H 92 5.96 -22.18 15.27
CA SER H 92 5.94 -20.72 15.29
C SER H 92 4.51 -20.17 15.11
N ALA H 93 4.28 -18.95 15.62
CA ALA H 93 3.03 -18.29 15.39
C ALA H 93 3.13 -16.74 15.38
N GLU H 94 2.09 -16.08 14.86
CA GLU H 94 2.08 -14.66 14.80
C GLU H 94 0.67 -14.12 14.82
N LEU H 95 0.56 -12.85 15.21
CA LEU H 95 -0.67 -12.09 15.07
C LEU H 95 -0.43 -11.11 13.93
N VAL H 96 -1.40 -11.05 13.00
CA VAL H 96 -1.22 -10.25 11.78
C VAL H 96 -2.39 -9.33 11.59
N SER H 97 -2.15 -8.05 11.54
CA SER H 97 -3.23 -7.12 11.41
C SER H 97 -3.35 -6.82 9.93
N TYR H 98 -4.56 -6.87 9.38
CA TYR H 98 -4.77 -6.51 7.96
C TYR H 98 -5.67 -5.33 7.80
N ASP H 99 -5.48 -4.56 6.74
CA ASP H 99 -6.43 -3.51 6.39
C ASP H 99 -7.66 -4.11 5.70
N SER H 100 -8.84 -3.83 6.24
CA SER H 100 -10.04 -4.47 5.69
C SER H 100 -10.53 -3.97 4.30
N ALA H 101 -10.06 -2.81 3.86
CA ALA H 101 -10.41 -2.30 2.54
C ALA H 101 -9.50 -2.84 1.45
N THR H 102 -8.23 -3.10 1.76
CA THR H 102 -7.24 -3.28 0.71
C THR H 102 -6.63 -4.64 0.85
N CYS H 103 -6.83 -5.25 2.00
CA CYS H 103 -6.29 -6.57 2.28
C CYS H 103 -4.77 -6.51 2.48
N LYS H 104 -4.16 -5.33 2.58
CA LYS H 104 -2.73 -5.34 2.86
C LYS H 104 -2.40 -5.65 4.33
N VAL H 105 -1.34 -6.41 4.56
CA VAL H 105 -0.81 -6.58 5.92
C VAL H 105 -0.43 -5.21 6.46
N VAL H 106 -0.86 -4.90 7.68
CA VAL H 106 -0.41 -3.65 8.26
C VAL H 106 0.60 -3.82 9.35
N HIS H 107 0.64 -4.97 9.97
CA HIS H 107 1.54 -5.17 11.11
C HIS H 107 1.52 -6.60 11.50
N ARG H 108 2.63 -7.05 12.03
CA ARG H 108 2.84 -8.47 12.17
C ARG H 108 3.75 -8.62 13.36
N GLU H 109 3.36 -9.50 14.27
CA GLU H 109 4.08 -9.69 15.51
C GLU H 109 4.28 -11.17 15.84
N ASP H 110 5.54 -11.58 15.93
CA ASP H 110 5.88 -12.97 16.28
C ASP H 110 5.48 -13.20 17.74
N ILE H 111 4.67 -14.25 17.98
CA ILE H 111 4.29 -14.61 19.33
C ILE H 111 4.60 -16.06 19.68
N SER H 112 5.42 -16.70 18.86
CA SER H 112 5.83 -18.11 19.03
C SER H 112 6.15 -18.50 20.49
N GLY H 113 5.59 -19.62 20.93
CA GLY H 113 5.98 -20.23 22.21
C GLY H 113 5.22 -19.70 23.40
N GLN H 114 4.44 -18.65 23.17
CA GLN H 114 3.65 -18.02 24.21
C GLN H 114 2.19 -18.37 24.04
N ARG H 115 1.49 -18.53 25.14
CA ARG H 115 0.04 -18.57 25.10
C ARG H 115 -0.45 -17.13 24.95
N TRP H 116 -1.65 -16.95 24.41
CA TRP H 116 -2.10 -15.61 24.08
C TRP H 116 -3.57 -15.45 24.23
N ALA H 117 -4.01 -14.20 24.44
CA ALA H 117 -5.43 -13.85 24.44
C ALA H 117 -5.65 -12.37 24.07
N VAL H 118 -6.70 -12.12 23.28
CA VAL H 118 -7.18 -10.78 22.92
C VAL H 118 -8.65 -10.54 23.36
N ASP H 119 -8.88 -9.58 24.26
CA ASP H 119 -10.23 -9.26 24.80
C ASP H 119 -10.51 -7.77 24.64
N LYS H 120 -11.35 -7.16 25.49
CA LYS H 120 -11.59 -5.69 25.52
C LYS H 120 -10.34 -4.88 25.95
N ASP H 121 -9.49 -5.51 26.74
CA ASP H 121 -8.42 -4.85 27.43
C ASP H 121 -7.09 -5.00 26.74
N GLY H 122 -7.14 -5.50 25.52
CA GLY H 122 -5.95 -5.57 24.69
C GLY H 122 -5.38 -6.98 24.66
N LEU H 123 -4.05 -7.05 24.53
CA LEU H 123 -3.39 -8.32 24.31
C LEU H 123 -2.60 -8.82 25.51
N ARG H 124 -2.73 -10.11 25.81
CA ARG H 124 -1.89 -10.75 26.83
C ARG H 124 -1.12 -11.99 26.30
N LEU H 125 0.17 -12.10 26.65
CA LEU H 125 0.99 -13.28 26.31
C LEU H 125 1.53 -13.90 27.57
N GLY H 126 1.54 -15.22 27.65
CA GLY H 126 2.01 -15.89 28.89
C GLY H 126 2.96 -17.05 28.71
N GLN H 127 3.71 -17.31 29.78
CA GLN H 127 4.72 -18.34 29.84
C GLN H 127 5.32 -19.19 30.92
N LYS H 128 4.58 -20.21 31.32
CA LYS H 128 5.05 -21.40 31.98
C LYS H 128 3.59 -21.57 32.16
N CYS H 129 3.00 -22.39 31.32
CA CYS H 129 1.58 -22.57 31.35
C CYS H 129 1.22 -23.98 31.71
N SER H 130 -0.05 -24.15 32.02
CA SER H 130 -0.62 -25.42 32.42
C SER H 130 -1.74 -25.81 31.51
N GLY H 131 -1.92 -25.03 30.47
CA GLY H 131 -3.00 -25.27 29.49
C GLY H 131 -2.83 -24.41 28.25
N GLU H 132 -3.86 -24.39 27.41
CA GLU H 132 -3.81 -23.55 26.22
C GLU H 132 -4.14 -22.08 26.51
N SER H 133 -4.98 -21.84 27.52
CA SER H 133 -5.31 -20.46 27.93
C SER H 133 -4.14 -19.76 28.66
N VAL H 134 -3.94 -18.48 28.36
CA VAL H 134 -2.89 -17.65 28.95
C VAL H 134 -3.02 -17.57 30.47
N ASP H 135 -4.19 -17.89 30.97
CA ASP H 135 -4.31 -18.02 32.38
C ASP H 135 -3.36 -19.09 32.85
N SER H 136 -3.39 -20.26 32.29
CA SER H 136 -2.66 -21.32 32.96
C SER H 136 -1.23 -20.85 33.13
N CYS H 137 -0.80 -19.85 32.37
CA CYS H 137 0.55 -19.33 32.55
C CYS H 137 0.77 -18.61 33.84
N ALA H 138 1.96 -18.82 34.39
CA ALA H 138 2.51 -18.06 35.51
C ALA H 138 3.10 -16.69 35.19
N LYS H 139 3.89 -16.58 34.15
CA LYS H 139 4.46 -15.30 33.86
C LYS H 139 3.65 -14.69 32.75
N ILE H 140 3.08 -13.53 33.01
CA ILE H 140 2.18 -12.96 31.99
C ILE H 140 2.49 -11.47 31.68
N VAL H 141 2.59 -11.14 30.39
CA VAL H 141 2.94 -9.79 29.92
C VAL H 141 1.76 -9.18 29.15
N LYS H 142 1.44 -7.91 29.38
CA LYS H 142 0.44 -7.19 28.56
C LYS H 142 1.15 -6.49 27.44
N ARG H 143 0.59 -6.57 26.22
CA ARG H 143 1.22 -5.99 25.06
C ARG H 143 0.26 -5.09 24.31
N SER H 144 0.85 -4.02 23.77
CA SER H 144 0.12 -2.93 23.16
C SER H 144 -0.33 -3.30 21.77
N LEU H 145 -1.58 -3.01 21.43
CA LEU H 145 -2.11 -3.38 20.13
C LEU H 145 -2.11 -2.17 19.24
N ALA H 146 -1.47 -1.14 19.74
CA ALA H 146 -1.45 0.09 19.04
C ALA H 146 -0.85 -0.04 17.67
N PRO H 147 0.19 -0.83 17.50
CA PRO H 147 0.78 -0.78 16.16
C PRO H 147 -0.01 -1.58 15.18
N PHE H 148 -0.96 -2.35 15.68
CA PHE H 148 -1.80 -3.15 14.83
C PHE H 148 -2.92 -2.30 14.34
N CYS H 149 -3.31 -1.34 15.14
CA CYS H 149 -4.45 -0.56 14.78
C CYS H 149 -4.14 0.82 15.15
N GLN H 150 -4.68 1.77 14.43
CA GLN H 150 -4.84 3.04 15.08
C GLN H 150 -5.44 4.13 14.26
N THR H 151 -5.97 5.10 14.98
CA THR H 151 -6.70 6.20 14.40
C THR H 151 -5.74 7.26 13.89
#